data_2P8Z
#
_entry.id   2P8Z
#
_cell.length_a   1.0
_cell.length_b   1.0
_cell.length_c   1.0
_cell.angle_alpha   90.0
_cell.angle_beta   90.0
_cell.angle_gamma   90.0
#
_symmetry.space_group_name_H-M   'P 1'
#
loop_
_entity.id
_entity.type
_entity.pdbx_description
1 polymer 'Elongation factor 2'
2 polymer 'Elongation factor Tu-B'
3 non-polymer ADENOSINE-5-DIPHOSPHORIBOSE
4 non-polymer '[1R-(1.ALPHA.,3A.BETA.,4.BETA.,4A.BETA.,7.BETA.,7A.ALPHA.,8A.BETA.)]8A-[(6-DEOXY-4-O-METHYL-BETA-D-ALTROPYRANOSYLOXY)METHYL]-4-FORMYL-4,4A,5,6,7,7A,8,8A-OCTAHYDRO-7-METHYL-3-(1-METHYLETHYL)-1,4-METHANO-S-INDACENE-3A(1H)-CARBOXYLIC ACID'
5 non-polymer 'PHOSPHOAMINOPHOSPHONIC ACID-GUANYLATE ESTER'
#
loop_
_entity_poly.entity_id
_entity_poly.type
_entity_poly.pdbx_seq_one_letter_code
_entity_poly.pdbx_strand_id
1 'polypeptide(L)'
;MVAFTVDQMRSLMDKVTNVRNMSVIAHVDHGKSTLTDSLVQRAGIISAAKAGEARFTDTRKDEQERGITIKSTAISLYSE
MSDEDVKEIKQKTDGNSFLINLIDSPGHVDFSSEVTAALRVTDGALVVVDTIEGVCVQTETVLRQALGERIKPVVVINKV
DRALLELQVSKEDLYQTFARTVESVNVIVSTYADEVLGDVQVYPARGTVAFGSGLHGWAFTIRQFATRYAKKFGVDKAKM
MDRLWGDSFFNPKTKKWTNKDTDAEGKPLERAFNMFILDPIFRLFTAIMNFKKDEIPVLLEKLEIVLKGDEKDLEGKALL
KVVMRKFLPAADALLEMIVLHLPSPVTAQAYRAEQLYEGPADDANCIAIKNCDPKADLMLYVSKMVPTSDKGRFYAFGRV
FAGTVKSGQKVRIQGPNYVPGKKDDLFIKAIQRVVLMMGRFVEPIDDCPAGNIIGLVGIDQFLLKTGTLTTSETAHNMKV
MKFSVSPVVQVAVEVKNANDLPKLVEGLKRLSKSDPCVLTYMSESGEHIVAGTGELHLEICLQDLEHDHAGVPLKISPPV
VAYRETVESESSQTALSKSPNKHNRIYLKAEPIDEEVSLAIENGIINPRDDFKARARIMADDYGWDVTDARKIWCFGPDG
NGPNLVIDQTKAVQYLHEIKDSVVAAFQWATKEGPIFGEEMRSVRVNILDVTLHADAI(DDE)RGGGQIIPTMRRATYAG
FLLADPKIQEPVFLVEIQCPEQAVGGIYSVLNKKRGQVVSEEQRPGTPLFTVKAYLPVNESFGFTGELRQATGGQAFPQM
VFDHWSTLGSDPLDPTSKAGEIVLAARKRHGMKEEVPGWQEYYDKL
;
T
2 'polypeptide(L)' TAAENPNVEVKDYGDIDKAPEERARGITINTAHVE S
#
loop_
_chem_comp.id
_chem_comp.type
_chem_comp.name
_chem_comp.formula
APR non-polymer ADENOSINE-5-DIPHOSPHORIBOSE 'C15 H23 N5 O14 P2'
GNP non-polymer 'PHOSPHOAMINOPHOSPHONIC ACID-GUANYLATE ESTER' 'C10 H17 N6 O13 P3'
SO1 non-polymer '[1R-(1.ALPHA.,3A.BETA.,4.BETA.,4A.BETA.,7.BETA.,7A.ALPHA.,8A.BETA.)]8A-[(6-DEOXY-4-O-METHYL-BETA-D-ALTROPYRANOSYLOXY)METHYL]-4-FORMYL-4,4A,5,6,7,7A,8,8A-OCTAHYDRO-7-METHYL-3-(1-METHYLETHYL)-1,4-METHANO-S-INDACENE-3A(1H)-CARBOXYLIC ACID' 'C27 H42 O8'
#
# COMPACT_ATOMS: atom_id res chain seq x y z
N ALA A 3 3.78 12.62 33.00
CA ALA A 3 2.30 12.80 33.22
C ALA A 3 1.87 14.28 33.25
N PHE A 4 1.14 14.70 32.21
CA PHE A 4 0.68 16.08 32.12
C PHE A 4 -0.82 16.23 32.12
N THR A 5 -1.26 17.45 32.42
CA THR A 5 -2.69 17.77 32.45
C THR A 5 -3.04 18.28 31.06
N VAL A 6 -4.34 18.31 30.75
CA VAL A 6 -4.80 18.80 29.46
C VAL A 6 -4.29 20.22 29.21
N ASP A 7 -4.21 21.01 30.27
CA ASP A 7 -3.73 22.39 30.17
C ASP A 7 -2.25 22.41 29.80
N GLN A 8 -1.47 21.53 30.43
CA GLN A 8 -0.04 21.46 30.16
C GLN A 8 0.18 21.04 28.71
N MET A 9 -0.61 20.07 28.26
CA MET A 9 -0.50 19.58 26.89
C MET A 9 -0.81 20.71 25.93
N ARG A 10 -1.97 21.36 26.13
CA ARG A 10 -2.39 22.47 25.27
C ARG A 10 -1.37 23.61 25.25
N SER A 11 -0.69 23.82 26.37
CA SER A 11 0.32 24.86 26.45
C SER A 11 1.54 24.44 25.63
N LEU A 12 1.86 23.16 25.69
CA LEU A 12 2.99 22.59 24.98
C LEU A 12 2.72 22.69 23.46
N MET A 13 1.47 22.49 23.07
CA MET A 13 1.06 22.55 21.68
C MET A 13 1.02 23.96 21.07
N ASP A 14 1.15 24.99 21.90
CA ASP A 14 1.17 26.37 21.40
C ASP A 14 2.52 26.70 20.78
N LYS A 15 3.58 26.14 21.35
CA LYS A 15 4.93 26.39 20.87
C LYS A 15 5.34 25.39 19.79
N VAL A 16 4.67 25.46 18.66
CA VAL A 16 4.94 24.55 17.55
C VAL A 16 6.38 24.60 17.07
N THR A 17 7.13 25.59 17.53
CA THR A 17 8.54 25.69 17.16
C THR A 17 9.25 24.57 17.90
N ASN A 18 8.65 24.15 19.01
CA ASN A 18 9.22 23.11 19.87
C ASN A 18 8.46 21.81 19.79
N VAL A 19 7.89 21.55 18.62
CA VAL A 19 7.15 20.33 18.38
C VAL A 19 7.92 19.55 17.32
N ARG A 20 7.82 18.23 17.35
CA ARG A 20 8.49 17.37 16.37
C ARG A 20 7.54 16.25 15.97
N ASN A 21 7.13 16.28 14.72
CA ASN A 21 6.23 15.26 14.19
C ASN A 21 7.14 14.30 13.43
N MET A 22 7.21 13.06 13.87
CA MET A 22 8.07 12.09 13.21
C MET A 22 7.61 10.64 13.40
N SER A 23 8.34 9.72 12.78
CA SER A 23 8.02 8.30 12.89
C SER A 23 9.33 7.51 12.84
N VAL A 24 9.22 6.20 13.03
CA VAL A 24 10.40 5.33 12.98
C VAL A 24 10.26 4.43 11.76
N ILE A 25 11.30 4.42 10.93
CA ILE A 25 11.33 3.62 9.71
C ILE A 25 12.26 2.45 9.96
N ALA A 26 11.77 1.23 9.78
CA ALA A 26 12.60 0.07 10.01
C ALA A 26 12.08 -1.20 9.33
N HIS A 27 13.03 -2.02 8.87
CA HIS A 27 12.73 -3.29 8.23
C HIS A 27 12.32 -4.21 9.38
N VAL A 28 11.43 -5.18 9.13
CA VAL A 28 10.98 -6.10 10.18
C VAL A 28 12.14 -6.71 10.95
N ASP A 29 11.97 -6.85 12.25
CA ASP A 29 12.99 -7.42 13.13
C ASP A 29 14.21 -6.57 13.40
N HIS A 30 14.29 -5.37 12.82
CA HIS A 30 15.45 -4.54 13.09
C HIS A 30 15.37 -3.82 14.42
N GLY A 31 14.29 -4.04 15.17
CA GLY A 31 14.16 -3.43 16.48
C GLY A 31 13.35 -2.16 16.62
N LYS A 32 12.47 -1.90 15.66
CA LYS A 32 11.64 -0.70 15.69
C LYS A 32 10.80 -0.64 16.98
N SER A 33 10.23 -1.77 17.37
CA SER A 33 9.39 -1.83 18.57
C SER A 33 10.12 -1.57 19.88
N THR A 34 11.23 -2.29 20.10
CA THR A 34 11.96 -2.13 21.36
C THR A 34 12.58 -0.74 21.48
N LEU A 35 12.85 -0.10 20.36
CA LEU A 35 13.40 1.25 20.42
C LEU A 35 12.32 2.24 20.85
N THR A 36 11.09 2.08 20.34
CA THR A 36 10.02 2.98 20.73
C THR A 36 9.61 2.71 22.17
N ASP A 37 9.72 1.46 22.61
CA ASP A 37 9.39 1.18 24.01
C ASP A 37 10.37 1.97 24.86
N SER A 38 11.64 1.96 24.43
CA SER A 38 12.68 2.70 25.13
C SER A 38 12.33 4.20 25.19
N LEU A 39 11.91 4.77 24.06
CA LEU A 39 11.54 6.18 24.02
C LEU A 39 10.35 6.43 24.95
N VAL A 40 9.34 5.57 24.85
CA VAL A 40 8.15 5.71 25.67
C VAL A 40 8.46 5.61 27.17
N GLN A 41 9.29 4.65 27.57
CA GLN A 41 9.64 4.48 28.97
C GLN A 41 10.45 5.66 29.52
N ARG A 42 11.25 6.29 28.65
CA ARG A 42 12.08 7.42 29.05
C ARG A 42 11.39 8.77 29.00
N ALA A 43 10.54 8.98 28.01
CA ALA A 43 9.90 10.28 27.87
C ALA A 43 8.42 10.27 27.53
N GLY A 44 7.81 9.08 27.52
CA GLY A 44 6.39 8.98 27.21
C GLY A 44 5.56 9.91 28.06
N ILE A 45 4.46 10.40 27.49
CA ILE A 45 3.56 11.31 28.21
C ILE A 45 2.23 10.61 28.46
N ILE A 46 1.68 10.86 29.65
CA ILE A 46 0.40 10.27 30.03
C ILE A 46 -0.43 11.33 30.73
N SER A 47 -1.75 11.26 30.56
CA SER A 47 -2.67 12.20 31.20
C SER A 47 -2.53 12.16 32.72
N ALA A 48 -2.59 13.33 33.36
CA ALA A 48 -2.47 13.40 34.82
C ALA A 48 -3.63 12.70 35.53
N GLY A 67 -13.76 5.31 29.27
CA GLY A 67 -13.55 3.89 29.08
C GLY A 67 -13.50 3.54 27.60
N ILE A 68 -13.25 4.55 26.79
CA ILE A 68 -13.15 4.34 25.35
C ILE A 68 -11.68 4.20 25.00
N THR A 69 -11.35 3.09 24.33
CA THR A 69 -9.99 2.85 23.93
C THR A 69 -9.92 2.82 22.42
N ILE A 70 -8.71 3.04 21.90
CA ILE A 70 -8.52 3.05 20.47
C ILE A 70 -7.28 2.26 20.12
N LYS A 71 -7.03 2.05 18.84
CA LYS A 71 -5.81 1.37 18.48
C LYS A 71 -4.72 2.44 18.54
N SER A 72 -3.63 2.14 19.24
CA SER A 72 -2.54 3.09 19.36
C SER A 72 -2.09 3.53 17.97
N THR A 73 -2.20 4.83 17.72
CA THR A 73 -1.85 5.41 16.42
C THR A 73 -0.69 6.38 16.51
N ALA A 74 -0.51 6.96 17.70
CA ALA A 74 0.55 7.93 17.93
C ALA A 74 0.85 8.05 19.41
N ILE A 75 2.09 8.37 19.74
CA ILE A 75 2.48 8.50 21.14
C ILE A 75 3.16 9.85 21.31
N SER A 76 2.94 10.47 22.46
CA SER A 76 3.54 11.77 22.75
C SER A 76 4.76 11.58 23.67
N LEU A 77 5.83 12.29 23.36
CA LEU A 77 7.06 12.25 24.15
C LEU A 77 7.36 13.67 24.65
N TYR A 78 8.05 13.77 25.79
CA TYR A 78 8.40 15.07 26.33
C TYR A 78 9.90 15.12 26.57
N SER A 79 10.54 16.21 26.16
CA SER A 79 11.97 16.35 26.36
C SER A 79 12.44 17.77 26.65
N GLU A 80 13.45 17.86 27.52
CA GLU A 80 14.05 19.14 27.89
C GLU A 80 15.53 19.07 27.54
N MET A 81 16.04 20.13 26.92
CA MET A 81 17.44 20.19 26.56
C MET A 81 18.08 21.26 27.43
N SER A 82 19.41 21.21 27.59
CA SER A 82 20.12 22.21 28.38
C SER A 82 20.18 23.50 27.58
N ASP A 83 20.36 24.61 28.28
CA ASP A 83 20.43 25.90 27.61
C ASP A 83 21.47 25.92 26.49
N GLU A 84 22.61 25.25 26.70
CA GLU A 84 23.62 25.25 25.66
C GLU A 84 23.14 24.45 24.45
N ASP A 85 22.58 23.27 24.71
CA ASP A 85 22.06 22.42 23.64
C ASP A 85 21.10 23.20 22.74
N VAL A 86 20.08 23.81 23.35
CA VAL A 86 19.08 24.57 22.61
C VAL A 86 19.68 25.65 21.71
N LYS A 87 20.87 26.14 22.06
CA LYS A 87 21.52 27.16 21.24
C LYS A 87 22.02 26.54 19.93
N GLU A 88 22.34 25.27 19.98
CA GLU A 88 22.84 24.53 18.83
C GLU A 88 21.78 24.20 17.78
N ILE A 89 20.50 24.24 18.17
CA ILE A 89 19.40 23.94 17.26
C ILE A 89 19.35 25.00 16.16
N LYS A 90 19.62 24.57 14.93
CA LYS A 90 19.62 25.47 13.78
C LYS A 90 18.22 25.82 13.29
N GLN A 91 17.29 26.07 14.21
CA GLN A 91 15.93 26.43 13.82
C GLN A 91 15.20 27.12 14.97
N LYS A 92 14.22 27.96 14.62
CA LYS A 92 13.42 28.71 15.59
C LYS A 92 13.04 27.91 16.83
N THR A 93 13.51 28.36 18.00
CA THR A 93 13.22 27.67 19.25
C THR A 93 12.63 28.59 20.32
N ASP A 94 11.69 28.07 21.11
CA ASP A 94 11.06 28.85 22.18
C ASP A 94 11.09 28.11 23.52
N GLY A 95 12.20 28.24 24.24
CA GLY A 95 12.33 27.56 25.51
C GLY A 95 13.07 26.24 25.39
N ASN A 96 13.14 25.49 26.48
CA ASN A 96 13.85 24.22 26.50
C ASN A 96 12.99 22.97 26.52
N SER A 97 11.67 23.13 26.39
CA SER A 97 10.75 21.99 26.38
C SER A 97 10.37 21.60 24.96
N PHE A 98 10.23 20.30 24.72
CA PHE A 98 9.88 19.83 23.40
C PHE A 98 8.83 18.75 23.47
N LEU A 99 7.89 18.81 22.53
CA LEU A 99 6.82 17.82 22.46
C LEU A 99 7.07 17.02 21.19
N ILE A 100 7.21 15.72 21.36
CA ILE A 100 7.47 14.85 20.23
C ILE A 100 6.35 13.86 19.95
N ASN A 101 5.81 13.95 18.74
CA ASN A 101 4.75 13.07 18.31
C ASN A 101 5.38 11.91 17.53
N LEU A 102 5.39 10.72 18.12
CA LEU A 102 5.94 9.53 17.46
C LEU A 102 4.73 8.90 16.78
N ILE A 103 4.63 9.08 15.47
CA ILE A 103 3.50 8.57 14.73
C ILE A 103 3.70 7.18 14.18
N ASP A 104 2.71 6.32 14.44
CA ASP A 104 2.74 4.95 13.99
C ASP A 104 2.62 4.86 12.47
N SER A 105 3.36 3.93 11.88
CA SER A 105 3.34 3.73 10.44
C SER A 105 3.11 2.25 10.17
N PRO A 106 2.32 1.92 9.15
CA PRO A 106 2.04 0.52 8.82
C PRO A 106 3.31 -0.30 8.61
N GLY A 107 3.16 -1.62 8.60
CA GLY A 107 4.30 -2.50 8.42
C GLY A 107 4.39 -3.08 7.02
N HIS A 108 3.39 -2.80 6.20
CA HIS A 108 3.39 -3.28 4.83
C HIS A 108 4.22 -2.33 4.00
N VAL A 109 5.28 -2.84 3.39
CA VAL A 109 6.14 -1.98 2.61
C VAL A 109 6.27 -2.44 1.17
N ASP A 110 5.21 -2.10 0.44
CA ASP A 110 5.01 -2.41 -0.96
C ASP A 110 4.78 -1.09 -1.70
N PHE A 111 5.27 0.01 -1.13
CA PHE A 111 5.06 1.33 -1.70
C PHE A 111 3.57 1.61 -1.66
N SER A 112 2.93 1.11 -0.60
CA SER A 112 1.49 1.28 -0.42
C SER A 112 1.10 2.72 -0.09
N SER A 113 -0.15 3.05 -0.35
CA SER A 113 -0.64 4.39 -0.08
C SER A 113 -1.01 4.58 1.39
N GLU A 114 -1.08 3.49 2.15
CA GLU A 114 -1.42 3.61 3.56
C GLU A 114 -0.18 4.15 4.27
N VAL A 115 0.99 3.75 3.79
CA VAL A 115 2.24 4.20 4.35
C VAL A 115 2.45 5.69 4.01
N THR A 116 2.26 6.04 2.74
CA THR A 116 2.41 7.41 2.29
C THR A 116 1.55 8.36 3.11
N ALA A 117 0.34 7.92 3.47
CA ALA A 117 -0.57 8.75 4.25
C ALA A 117 0.01 9.03 5.63
N ALA A 118 0.55 7.99 6.27
CA ALA A 118 1.13 8.11 7.59
C ALA A 118 2.35 9.02 7.60
N LEU A 119 3.19 8.91 6.57
CA LEU A 119 4.39 9.72 6.49
C LEU A 119 4.02 11.17 6.24
N ARG A 120 2.97 11.38 5.45
CA ARG A 120 2.51 12.71 5.10
C ARG A 120 2.27 13.63 6.29
N VAL A 121 1.88 13.06 7.42
CA VAL A 121 1.63 13.88 8.61
C VAL A 121 2.86 14.05 9.50
N THR A 122 4.01 13.54 9.04
CA THR A 122 5.26 13.66 9.79
C THR A 122 6.21 14.59 9.01
N ASP A 123 7.23 15.09 9.69
CA ASP A 123 8.23 15.97 9.07
C ASP A 123 9.63 15.40 9.15
N GLY A 124 9.86 14.49 10.09
CA GLY A 124 11.18 13.90 10.21
C GLY A 124 11.05 12.43 10.47
N ALA A 125 12.13 11.68 10.29
CA ALA A 125 12.07 10.23 10.52
C ALA A 125 13.34 9.68 11.15
N LEU A 126 13.15 8.72 12.04
CA LEU A 126 14.25 8.03 12.71
C LEU A 126 14.37 6.71 11.98
N VAL A 127 15.40 6.58 11.15
CA VAL A 127 15.61 5.37 10.37
C VAL A 127 16.48 4.35 11.10
N VAL A 128 15.93 3.17 11.37
CA VAL A 128 16.66 2.12 12.05
C VAL A 128 17.34 1.19 11.06
N VAL A 129 18.64 0.98 11.23
CA VAL A 129 19.39 0.10 10.34
C VAL A 129 20.12 -0.89 11.21
N ASP A 130 20.16 -2.14 10.76
CA ASP A 130 20.83 -3.19 11.51
C ASP A 130 22.35 -3.18 11.32
N THR A 131 23.09 -3.35 12.41
CA THR A 131 24.54 -3.38 12.37
C THR A 131 25.00 -4.40 11.34
N ILE A 132 24.49 -5.62 11.46
CA ILE A 132 24.89 -6.69 10.55
C ILE A 132 24.24 -6.68 9.16
N GLU A 133 22.92 -6.80 9.10
CA GLU A 133 22.23 -6.83 7.82
C GLU A 133 22.33 -5.54 7.01
N GLY A 134 22.59 -4.43 7.69
CA GLY A 134 22.70 -3.15 6.99
C GLY A 134 21.35 -2.70 6.45
N VAL A 135 21.37 -1.92 5.39
CA VAL A 135 20.14 -1.41 4.77
C VAL A 135 19.54 -2.44 3.84
N CYS A 136 18.31 -2.85 4.12
CA CYS A 136 17.62 -3.83 3.30
C CYS A 136 16.52 -3.15 2.49
N VAL A 137 16.06 -3.83 1.43
CA VAL A 137 15.03 -3.28 0.55
C VAL A 137 13.83 -2.63 1.26
N GLN A 138 13.35 -3.27 2.32
CA GLN A 138 12.22 -2.73 3.08
C GLN A 138 12.55 -1.35 3.61
N THR A 139 13.78 -1.21 4.10
CA THR A 139 14.29 0.03 4.65
C THR A 139 14.35 1.10 3.56
N GLU A 140 14.91 0.71 2.42
CA GLU A 140 15.03 1.61 1.27
C GLU A 140 13.66 2.05 0.77
N THR A 141 12.70 1.14 0.83
CA THR A 141 11.36 1.43 0.36
C THR A 141 10.63 2.50 1.16
N VAL A 142 10.69 2.41 2.48
CA VAL A 142 10.00 3.40 3.29
C VAL A 142 10.74 4.71 3.28
N LEU A 143 12.08 4.62 3.32
CA LEU A 143 12.90 5.82 3.28
C LEU A 143 12.66 6.57 1.98
N ARG A 144 12.58 5.83 0.88
CA ARG A 144 12.34 6.42 -0.44
C ARG A 144 10.99 7.14 -0.42
N GLN A 145 9.97 6.49 0.13
CA GLN A 145 8.64 7.09 0.21
C GLN A 145 8.72 8.33 1.10
N ALA A 146 9.46 8.22 2.20
CA ALA A 146 9.61 9.33 3.12
C ALA A 146 10.22 10.54 2.42
N LEU A 147 11.33 10.32 1.71
CA LEU A 147 12.00 11.39 1.00
C LEU A 147 11.05 12.03 0.00
N GLY A 148 10.13 11.23 -0.54
CA GLY A 148 9.16 11.76 -1.47
C GLY A 148 8.20 12.71 -0.80
N GLU A 149 8.13 12.67 0.53
CA GLU A 149 7.24 13.55 1.29
C GLU A 149 8.08 14.64 1.91
N ARG A 150 9.30 14.81 1.39
CA ARG A 150 10.24 15.80 1.91
C ARG A 150 10.45 15.70 3.42
N ILE A 151 10.62 14.47 3.87
CA ILE A 151 10.85 14.20 5.28
C ILE A 151 12.36 14.14 5.49
N LYS A 152 12.83 14.68 6.60
CA LYS A 152 14.25 14.65 6.88
C LYS A 152 14.57 13.41 7.70
N PRO A 153 15.62 12.65 7.29
CA PRO A 153 16.05 11.43 7.99
C PRO A 153 17.21 11.61 8.96
N VAL A 154 17.23 10.71 9.93
CA VAL A 154 18.24 10.63 10.98
C VAL A 154 18.33 9.11 11.19
N VAL A 155 19.55 8.61 11.36
CA VAL A 155 19.78 7.17 11.48
C VAL A 155 20.23 6.66 12.83
N VAL A 156 19.89 5.39 13.10
CA VAL A 156 20.32 4.70 14.30
C VAL A 156 20.77 3.33 13.83
N ILE A 157 22.06 3.03 13.98
CA ILE A 157 22.55 1.72 13.60
C ILE A 157 22.34 0.89 14.87
N ASN A 158 21.34 0.01 14.81
CA ASN A 158 20.89 -0.82 15.93
C ASN A 158 21.53 -2.21 16.04
N LYS A 159 21.23 -2.94 17.12
CA LYS A 159 21.75 -4.28 17.33
C LYS A 159 23.28 -4.34 17.40
N VAL A 160 23.92 -3.26 17.84
CA VAL A 160 25.38 -3.25 17.92
C VAL A 160 25.92 -4.35 18.84
N ASP A 161 25.14 -4.69 19.86
CA ASP A 161 25.54 -5.71 20.84
C ASP A 161 25.85 -7.06 20.18
N ARG A 162 25.19 -7.35 19.06
CA ARG A 162 25.40 -8.59 18.35
C ARG A 162 26.83 -8.69 17.83
N ALA A 163 27.35 -7.59 17.30
CA ALA A 163 28.70 -7.57 16.76
C ALA A 163 29.76 -7.74 17.84
N LEU A 164 29.48 -7.31 19.05
CA LEU A 164 30.44 -7.42 20.15
C LEU A 164 30.35 -8.77 20.85
N LEU A 165 29.13 -9.24 21.12
CA LEU A 165 28.93 -10.52 21.81
C LEU A 165 28.99 -11.76 20.95
N GLU A 166 28.24 -11.78 19.86
CA GLU A 166 28.21 -12.94 18.97
C GLU A 166 29.41 -13.02 18.02
N LEU A 167 29.52 -12.05 17.12
CA LEU A 167 30.60 -12.03 16.11
C LEU A 167 32.03 -11.67 16.56
N GLN A 168 32.21 -11.20 17.80
CA GLN A 168 33.55 -10.85 18.27
C GLN A 168 34.28 -9.86 17.36
N VAL A 169 33.55 -9.17 16.49
CA VAL A 169 34.13 -8.23 15.55
C VAL A 169 35.17 -7.29 16.19
N SER A 170 36.12 -6.81 15.39
CA SER A 170 37.14 -5.89 15.90
C SER A 170 36.69 -4.44 15.69
N LYS A 171 37.32 -3.54 16.43
CA LYS A 171 36.98 -2.12 16.35
C LYS A 171 37.00 -1.55 14.93
N GLU A 172 38.09 -1.76 14.20
CA GLU A 172 38.17 -1.24 12.84
C GLU A 172 37.13 -1.91 11.93
N ASP A 173 36.76 -3.16 12.21
CA ASP A 173 35.78 -3.84 11.38
C ASP A 173 34.41 -3.26 11.68
N LEU A 174 34.15 -3.01 12.96
CA LEU A 174 32.89 -2.45 13.36
C LEU A 174 32.80 -1.06 12.73
N TYR A 175 33.89 -0.30 12.82
CA TYR A 175 33.91 1.03 12.23
C TYR A 175 33.51 0.95 10.77
N GLN A 176 34.28 0.17 10.00
CA GLN A 176 34.03 -0.02 8.57
C GLN A 176 32.58 -0.39 8.27
N THR A 177 32.01 -1.27 9.10
CA THR A 177 30.62 -1.68 8.89
C THR A 177 29.72 -0.46 9.05
N PHE A 178 29.96 0.33 10.09
CA PHE A 178 29.18 1.54 10.33
C PHE A 178 29.28 2.50 9.14
N ALA A 179 30.50 2.72 8.67
CA ALA A 179 30.74 3.62 7.54
C ALA A 179 30.07 3.16 6.26
N ARG A 180 30.02 1.86 6.03
CA ARG A 180 29.38 1.33 4.83
C ARG A 180 27.86 1.47 4.92
N THR A 181 27.32 1.28 6.11
CA THR A 181 25.88 1.40 6.29
C THR A 181 25.48 2.84 6.07
N VAL A 182 26.32 3.77 6.55
CA VAL A 182 26.05 5.20 6.40
C VAL A 182 26.12 5.62 4.95
N GLU A 183 26.99 4.96 4.20
CA GLU A 183 27.15 5.27 2.78
C GLU A 183 25.95 4.75 2.00
N SER A 184 25.52 3.52 2.31
CA SER A 184 24.39 2.91 1.63
C SER A 184 23.17 3.82 1.80
N VAL A 185 23.03 4.38 2.99
CA VAL A 185 21.92 5.26 3.30
C VAL A 185 21.98 6.58 2.52
N ASN A 186 23.15 7.20 2.48
CA ASN A 186 23.28 8.47 1.79
C ASN A 186 23.22 8.35 0.26
N VAL A 187 23.14 7.11 -0.23
CA VAL A 187 23.02 6.84 -1.66
C VAL A 187 21.54 6.98 -1.97
N ILE A 188 20.72 6.41 -1.08
CA ILE A 188 19.29 6.47 -1.24
C ILE A 188 18.84 7.93 -1.07
N VAL A 189 19.44 8.60 -0.09
CA VAL A 189 19.07 9.98 0.16
C VAL A 189 19.48 10.86 -1.01
N SER A 190 20.75 10.82 -1.39
CA SER A 190 21.19 11.67 -2.50
C SER A 190 20.42 11.41 -3.81
N THR A 191 19.89 10.20 -3.96
CA THR A 191 19.13 9.84 -5.16
C THR A 191 17.69 10.39 -5.20
N TYR A 192 16.98 10.28 -4.09
CA TYR A 192 15.57 10.70 -4.03
C TYR A 192 15.19 12.01 -3.35
N ALA A 193 16.12 12.62 -2.63
CA ALA A 193 15.83 13.86 -1.94
C ALA A 193 15.77 15.06 -2.89
N ASP A 194 14.77 15.92 -2.70
CA ASP A 194 14.62 17.12 -3.53
C ASP A 194 15.79 18.06 -3.34
N GLU A 195 16.45 18.40 -4.45
CA GLU A 195 17.61 19.28 -4.45
C GLU A 195 17.35 20.61 -3.75
N VAL A 196 16.09 21.01 -3.69
CA VAL A 196 15.73 22.29 -3.06
C VAL A 196 15.95 22.26 -1.55
N LEU A 197 15.96 21.08 -0.95
CA LEU A 197 16.17 20.93 0.50
C LEU A 197 17.63 21.06 0.88
N GLY A 198 18.50 20.99 -0.12
CA GLY A 198 19.93 21.07 0.14
C GLY A 198 20.50 19.69 0.38
N ASP A 199 21.49 19.60 1.28
CA ASP A 199 22.11 18.32 1.60
C ASP A 199 21.37 17.68 2.78
N VAL A 200 20.54 16.70 2.48
CA VAL A 200 19.77 16.03 3.52
C VAL A 200 20.46 14.71 3.93
N GLN A 201 21.69 14.52 3.49
CA GLN A 201 22.44 13.32 3.85
C GLN A 201 22.72 13.29 5.34
N VAL A 202 23.16 12.13 5.82
CA VAL A 202 23.43 11.95 7.23
C VAL A 202 24.94 11.84 7.50
N TYR A 203 25.41 12.52 8.54
CA TYR A 203 26.83 12.54 8.91
C TYR A 203 27.08 12.28 10.41
N PRO A 204 27.78 11.19 10.75
CA PRO A 204 28.04 10.89 12.16
C PRO A 204 28.67 12.07 12.91
N ALA A 205 29.62 12.75 12.27
CA ALA A 205 30.29 13.89 12.88
C ALA A 205 29.33 15.06 13.20
N ARG A 206 28.26 15.19 12.43
CA ARG A 206 27.30 16.25 12.67
C ARG A 206 26.21 15.84 13.64
N GLY A 207 26.33 14.63 14.20
CA GLY A 207 25.36 14.15 15.17
C GLY A 207 24.04 13.60 14.64
N THR A 208 23.99 13.27 13.36
CA THR A 208 22.76 12.73 12.80
C THR A 208 22.78 11.21 12.66
N VAL A 209 23.70 10.57 13.38
CA VAL A 209 23.78 9.12 13.37
C VAL A 209 24.05 8.64 14.78
N ALA A 210 23.21 7.73 15.25
CA ALA A 210 23.36 7.14 16.57
C ALA A 210 23.77 5.67 16.38
N PHE A 211 24.42 5.11 17.40
CA PHE A 211 24.86 3.71 17.35
C PHE A 211 24.45 3.08 18.67
N GLY A 212 23.95 1.86 18.66
CA GLY A 212 23.59 1.27 19.93
C GLY A 212 22.87 -0.06 19.91
N SER A 213 22.19 -0.35 21.01
CA SER A 213 21.43 -1.58 21.19
C SER A 213 20.10 -1.27 21.86
N GLY A 214 19.03 -1.33 21.09
CA GLY A 214 17.71 -1.05 21.63
C GLY A 214 17.27 -2.05 22.68
N LEU A 215 17.79 -3.27 22.59
CA LEU A 215 17.44 -4.32 23.55
C LEU A 215 18.13 -4.13 24.89
N HIS A 216 19.41 -3.77 24.86
CA HIS A 216 20.17 -3.56 26.08
C HIS A 216 19.94 -2.16 26.66
N GLY A 217 19.38 0.01 26.49
CA GLY A 217 19.12 1.35 26.98
C GLY A 217 20.24 2.36 26.94
N TRP A 218 21.20 2.20 26.03
CA TRP A 218 22.30 3.16 25.93
C TRP A 218 22.57 3.56 24.49
N ALA A 219 22.99 4.81 24.32
CA ALA A 219 23.31 5.34 23.00
C ALA A 219 24.07 6.64 23.20
N PHE A 220 24.74 7.12 22.15
CA PHE A 220 25.49 8.36 22.25
C PHE A 220 25.65 9.08 20.91
N THR A 221 26.08 10.34 21.00
CA THR A 221 26.36 11.17 19.83
C THR A 221 27.81 11.61 20.07
N ILE A 222 28.51 12.03 19.02
CA ILE A 222 29.88 12.49 19.19
C ILE A 222 29.81 13.72 20.09
N ARG A 223 28.77 14.52 19.88
CA ARG A 223 28.58 15.73 20.66
C ARG A 223 28.65 15.51 22.16
N GLN A 224 27.95 14.49 22.66
CA GLN A 224 27.96 14.21 24.08
C GLN A 224 29.39 13.93 24.57
N PHE A 225 30.16 13.19 23.76
CA PHE A 225 31.52 12.87 24.14
C PHE A 225 32.42 14.10 24.06
N ALA A 226 32.12 14.98 23.11
CA ALA A 226 32.89 16.20 22.92
C ALA A 226 32.71 17.09 24.13
N THR A 227 31.48 17.14 24.63
CA THR A 227 31.14 17.92 25.79
C THR A 227 31.93 17.35 26.96
N ARG A 228 31.94 16.02 27.06
CA ARG A 228 32.65 15.29 28.11
C ARG A 228 34.17 15.48 28.10
N TYR A 229 34.79 15.53 26.92
CA TYR A 229 36.24 15.68 26.84
C TYR A 229 36.73 17.10 26.53
N ALA A 230 35.83 17.99 26.16
CA ALA A 230 36.25 19.36 25.84
C ALA A 230 36.90 20.02 27.04
N LYS A 231 36.13 20.20 28.10
CA LYS A 231 36.64 20.83 29.31
C LYS A 231 37.75 20.02 29.96
N LYS A 232 38.15 18.93 29.31
CA LYS A 232 39.21 18.05 29.84
C LYS A 232 40.49 18.10 29.00
N PHE A 233 40.32 18.35 27.71
CA PHE A 233 41.44 18.43 26.78
C PHE A 233 41.84 19.89 26.60
N GLY A 234 41.14 20.78 27.28
CA GLY A 234 41.44 22.20 27.17
C GLY A 234 41.09 22.72 25.79
N VAL A 235 40.06 22.16 25.17
CA VAL A 235 39.64 22.58 23.83
C VAL A 235 38.11 22.71 23.77
N ASP A 236 37.60 23.64 22.96
CA ASP A 236 36.15 23.82 22.86
C ASP A 236 35.56 22.60 22.14
N LYS A 237 34.33 22.21 22.48
CA LYS A 237 33.75 21.04 21.85
C LYS A 237 33.56 21.09 20.34
N ALA A 238 33.47 22.29 19.78
CA ALA A 238 33.31 22.39 18.34
C ALA A 238 34.54 21.73 17.74
N LYS A 239 35.69 21.98 18.33
CA LYS A 239 36.94 21.43 17.85
C LYS A 239 37.00 19.94 18.19
N MET A 240 36.53 19.60 19.38
CA MET A 240 36.54 18.22 19.85
C MET A 240 35.67 17.25 19.06
N MET A 241 34.45 17.65 18.71
CA MET A 241 33.61 16.73 17.96
C MET A 241 34.09 16.52 16.53
N ASP A 242 34.87 17.46 15.99
CA ASP A 242 35.39 17.25 14.65
C ASP A 242 36.52 16.23 14.76
N ARG A 243 37.24 16.29 15.88
CA ARG A 243 38.35 15.38 16.13
C ARG A 243 37.94 14.00 16.60
N LEU A 244 36.70 13.85 17.07
CA LEU A 244 36.24 12.56 17.58
C LEU A 244 35.60 11.66 16.53
N TRP A 245 35.70 12.06 15.27
CA TRP A 245 35.14 11.25 14.19
C TRP A 245 36.02 11.33 12.94
N GLY A 246 36.00 10.29 12.12
CA GLY A 246 36.79 10.30 10.90
C GLY A 246 38.29 10.19 11.10
N ASP A 247 39.05 10.76 10.16
CA ASP A 247 40.52 10.70 10.21
C ASP A 247 41.24 11.72 11.09
N SER A 248 41.05 11.60 12.39
CA SER A 248 41.69 12.46 13.37
C SER A 248 42.39 11.50 14.29
N PHE A 249 43.67 11.74 14.50
CA PHE A 249 44.48 10.89 15.35
C PHE A 249 45.18 11.74 16.38
N PHE A 250 45.29 11.19 17.58
CA PHE A 250 45.99 11.87 18.65
C PHE A 250 47.15 10.96 18.98
N ASN A 251 48.37 11.42 18.70
CA ASN A 251 49.55 10.62 18.99
C ASN A 251 49.92 10.89 20.43
N PRO A 252 49.77 9.89 21.31
CA PRO A 252 50.13 10.13 22.71
C PRO A 252 51.61 10.53 22.86
N LYS A 253 52.46 10.03 21.96
CA LYS A 253 53.89 10.30 21.97
C LYS A 253 54.24 11.76 21.69
N THR A 254 53.52 12.38 20.76
CA THR A 254 53.76 13.78 20.41
C THR A 254 52.79 14.71 21.12
N LYS A 255 51.69 14.13 21.61
CA LYS A 255 50.65 14.87 22.31
C LYS A 255 49.95 15.79 21.32
N LYS A 256 50.05 15.46 20.03
CA LYS A 256 49.43 16.27 18.99
C LYS A 256 48.38 15.56 18.16
N TRP A 257 47.45 16.35 17.62
CA TRP A 257 46.36 15.86 16.78
C TRP A 257 46.73 16.04 15.31
N THR A 258 46.62 14.96 14.54
CA THR A 258 46.96 14.98 13.13
C THR A 258 45.90 14.27 12.29
N ASN A 259 46.03 14.35 10.96
CA ASN A 259 45.09 13.69 10.07
C ASN A 259 45.75 12.52 9.33
N LYS A 260 46.96 12.19 9.74
CA LYS A 260 47.73 11.07 9.16
C LYS A 260 47.61 9.84 10.06
N ASP A 261 47.25 8.70 9.51
CA ASP A 261 47.13 7.50 10.34
C ASP A 261 48.45 6.83 10.74
N THR A 262 49.56 7.53 10.53
CA THR A 262 50.88 7.00 10.92
C THR A 262 51.74 8.15 11.42
N ASP A 263 52.76 7.83 12.22
CA ASP A 263 53.64 8.88 12.71
C ASP A 263 54.84 9.06 11.77
N ALA A 264 55.77 9.92 12.15
CA ALA A 264 56.95 10.18 11.33
C ALA A 264 57.65 8.87 10.96
N GLU A 265 57.83 7.98 11.95
CA GLU A 265 58.48 6.69 11.71
C GLU A 265 57.62 5.77 10.83
N GLY A 266 56.37 6.15 10.63
CA GLY A 266 55.47 5.35 9.81
C GLY A 266 54.65 4.32 10.57
N LYS A 267 54.75 4.34 11.90
CA LYS A 267 54.01 3.41 12.73
C LYS A 267 52.53 3.78 12.74
N PRO A 268 51.64 2.78 12.84
CA PRO A 268 50.17 2.91 12.85
C PRO A 268 49.55 3.65 14.04
N LEU A 269 48.76 4.68 13.73
CA LEU A 269 48.10 5.46 14.75
C LEU A 269 46.61 5.12 14.85
N GLU A 270 46.13 4.95 16.08
CA GLU A 270 44.72 4.64 16.29
C GLU A 270 43.87 5.89 16.22
N ARG A 271 42.83 5.80 15.39
CA ARG A 271 41.84 6.83 15.16
C ARG A 271 41.21 7.35 16.46
N ALA A 272 41.08 8.67 16.60
CA ALA A 272 40.51 9.30 17.80
C ALA A 272 39.15 8.72 18.23
N PHE A 273 38.31 8.38 17.27
CA PHE A 273 37.01 7.80 17.58
C PHE A 273 37.18 6.48 18.35
N ASN A 274 38.11 5.65 17.88
CA ASN A 274 38.41 4.35 18.47
C ASN A 274 39.05 4.46 19.83
N MET A 275 39.99 5.40 19.92
CA MET A 275 40.76 5.60 21.13
C MET A 275 40.03 6.27 22.30
N PHE A 276 39.14 7.20 22.01
CA PHE A 276 38.45 7.92 23.09
C PHE A 276 36.99 7.59 23.32
N ILE A 277 36.31 7.02 22.33
CA ILE A 277 34.90 6.68 22.51
C ILE A 277 34.68 5.18 22.57
N LEU A 278 35.25 4.43 21.64
CA LEU A 278 35.06 2.99 21.64
C LEU A 278 35.83 2.23 22.73
N ASP A 279 37.10 2.54 22.90
CA ASP A 279 37.93 1.87 23.89
C ASP A 279 37.32 1.86 25.30
N PRO A 280 36.86 3.02 25.80
CA PRO A 280 36.26 3.02 27.14
C PRO A 280 35.07 2.04 27.20
N ILE A 281 34.28 2.02 26.13
CA ILE A 281 33.11 1.16 26.07
C ILE A 281 33.56 -0.29 25.98
N PHE A 282 34.54 -0.55 25.12
CA PHE A 282 35.09 -1.90 24.96
C PHE A 282 35.65 -2.43 26.27
N ARG A 283 36.40 -1.58 26.97
CA ARG A 283 36.98 -1.98 28.25
C ARG A 283 35.92 -2.29 29.29
N LEU A 284 34.81 -1.53 29.29
CA LEU A 284 33.74 -1.78 30.24
C LEU A 284 33.12 -3.14 29.98
N PHE A 285 32.84 -3.43 28.71
CA PHE A 285 32.25 -4.71 28.33
C PHE A 285 33.17 -5.86 28.74
N THR A 286 34.41 -5.79 28.27
CA THR A 286 35.40 -6.83 28.56
C THR A 286 35.62 -7.10 30.04
N ALA A 287 35.67 -6.05 30.85
CA ALA A 287 35.92 -6.20 32.28
C ALA A 287 34.72 -6.77 33.03
N ILE A 288 33.54 -6.26 32.73
CA ILE A 288 32.31 -6.70 33.38
C ILE A 288 31.89 -8.09 32.97
N MET A 289 31.98 -8.40 31.67
CA MET A 289 31.59 -9.72 31.19
C MET A 289 32.57 -10.83 31.55
N ASN A 290 33.80 -10.46 31.91
CA ASN A 290 34.79 -11.45 32.28
C ASN A 290 35.01 -11.47 33.79
N PHE A 291 34.12 -10.80 34.51
CA PHE A 291 34.15 -10.76 35.97
C PHE A 291 35.45 -10.30 36.63
N LYS A 292 36.17 -9.40 35.97
CA LYS A 292 37.42 -8.87 36.52
C LYS A 292 37.08 -7.90 37.65
N LYS A 293 36.62 -8.46 38.77
CA LYS A 293 36.21 -7.69 39.94
C LYS A 293 37.20 -6.71 40.57
N ASP A 294 38.46 -6.71 40.13
CA ASP A 294 39.41 -5.77 40.68
C ASP A 294 39.72 -4.69 39.64
N GLU A 295 39.20 -4.88 38.43
CA GLU A 295 39.40 -3.93 37.35
C GLU A 295 38.16 -3.08 37.10
N ILE A 296 37.00 -3.57 37.53
CA ILE A 296 35.74 -2.88 37.32
C ILE A 296 35.55 -1.60 38.17
N PRO A 297 35.85 -1.66 39.47
CA PRO A 297 35.70 -0.48 40.34
C PRO A 297 36.52 0.72 39.87
N VAL A 298 37.75 0.45 39.42
CA VAL A 298 38.64 1.50 38.94
C VAL A 298 38.08 2.12 37.66
N LEU A 299 37.78 1.27 36.70
CA LEU A 299 37.23 1.72 35.43
C LEU A 299 35.98 2.59 35.65
N LEU A 300 35.08 2.13 36.53
CA LEU A 300 33.86 2.87 36.83
C LEU A 300 34.17 4.19 37.50
N GLU A 301 35.17 4.18 38.37
CA GLU A 301 35.56 5.39 39.08
C GLU A 301 36.10 6.40 38.08
N LYS A 302 36.97 5.95 37.17
CA LYS A 302 37.56 6.83 36.16
C LYS A 302 36.51 7.47 35.25
N LEU A 303 35.46 6.73 34.94
CA LEU A 303 34.39 7.22 34.09
C LEU A 303 33.33 7.93 34.91
N GLU A 304 33.59 8.05 36.21
CA GLU A 304 32.66 8.68 37.15
C GLU A 304 31.28 8.03 37.13
N ILE A 305 31.24 6.70 37.23
CA ILE A 305 29.97 5.97 37.25
C ILE A 305 29.77 5.50 38.70
N VAL A 306 28.57 5.72 39.24
CA VAL A 306 28.30 5.31 40.62
C VAL A 306 27.19 4.29 40.82
N LEU A 307 27.56 3.15 41.38
CA LEU A 307 26.60 2.09 41.67
C LEU A 307 26.05 2.36 43.07
N LYS A 308 24.73 2.28 43.22
CA LYS A 308 24.14 2.55 44.52
C LYS A 308 23.25 1.40 44.99
N GLY A 309 23.37 1.06 46.27
CA GLY A 309 22.56 -0.01 46.83
C GLY A 309 22.80 -1.38 46.22
N ASP A 310 21.70 -2.08 45.95
CA ASP A 310 21.75 -3.42 45.38
C ASP A 310 22.56 -3.52 44.09
N GLU A 311 22.78 -2.40 43.42
CA GLU A 311 23.54 -2.43 42.17
C GLU A 311 24.97 -2.89 42.41
N LYS A 312 25.58 -2.47 43.52
CA LYS A 312 26.94 -2.86 43.84
C LYS A 312 27.17 -4.38 43.80
N ASP A 313 26.08 -5.15 43.90
CA ASP A 313 26.19 -6.61 43.89
C ASP A 313 26.06 -7.28 42.54
N LEU A 314 25.47 -6.59 41.56
CA LEU A 314 25.29 -7.14 40.22
C LEU A 314 26.61 -7.55 39.55
N GLU A 315 26.53 -8.48 38.61
CA GLU A 315 27.69 -8.96 37.85
C GLU A 315 27.22 -9.27 36.44
N GLY A 316 28.15 -9.59 35.55
CA GLY A 316 27.79 -9.94 34.19
C GLY A 316 26.89 -8.94 33.47
N LYS A 317 26.05 -9.44 32.56
CA LYS A 317 25.13 -8.60 31.79
C LYS A 317 24.29 -7.67 32.65
N ALA A 318 23.78 -8.20 33.75
CA ALA A 318 22.96 -7.41 34.66
C ALA A 318 23.72 -6.15 35.08
N LEU A 319 24.99 -6.32 35.44
CA LEU A 319 25.81 -5.18 35.86
C LEU A 319 26.05 -4.28 34.65
N LEU A 320 26.38 -4.90 33.52
CA LEU A 320 26.64 -4.18 32.29
C LEU A 320 25.44 -3.29 31.91
N LYS A 321 24.27 -3.90 31.79
CA LYS A 321 23.06 -3.16 31.44
C LYS A 321 22.91 -1.94 32.32
N VAL A 322 23.06 -2.15 33.62
CA VAL A 322 22.92 -1.06 34.60
C VAL A 322 24.03 0.00 34.52
N VAL A 323 25.25 -0.43 34.25
CA VAL A 323 26.37 0.49 34.13
C VAL A 323 26.28 1.36 32.85
N MET A 324 25.90 0.75 31.74
CA MET A 324 25.78 1.48 30.47
C MET A 324 24.63 2.49 30.46
N ARG A 325 23.54 2.18 31.19
CA ARG A 325 22.38 3.07 31.27
C ARG A 325 22.79 4.34 32.00
N LYS A 326 23.65 4.19 33.02
CA LYS A 326 24.12 5.32 33.80
C LYS A 326 25.15 6.14 33.03
N PHE A 327 26.02 5.43 32.33
CA PHE A 327 27.09 6.03 31.55
C PHE A 327 26.57 6.79 30.32
N LEU A 328 25.64 6.19 29.59
CA LEU A 328 25.12 6.82 28.39
C LEU A 328 23.63 6.51 28.16
N PRO A 329 22.72 7.13 28.95
CA PRO A 329 21.28 6.88 28.79
C PRO A 329 20.89 7.11 27.33
N ALA A 330 20.01 4.89 26.03
CA ALA A 330 19.58 4.94 24.64
C ALA A 330 18.69 6.13 24.30
N ALA A 331 17.53 6.20 24.95
CA ALA A 331 16.59 7.29 24.71
C ALA A 331 17.27 8.64 24.56
N ASP A 332 18.26 8.90 25.41
CA ASP A 332 18.98 10.17 25.37
C ASP A 332 19.62 10.44 24.01
N ALA A 333 20.24 9.42 23.43
CA ALA A 333 20.89 9.59 22.13
C ALA A 333 19.84 9.90 21.07
N LEU A 334 18.77 9.12 21.05
CA LEU A 334 17.69 9.32 20.08
C LEU A 334 16.98 10.67 20.21
N LEU A 335 16.59 11.04 21.43
CA LEU A 335 15.93 12.32 21.65
C LEU A 335 16.79 13.49 21.20
N GLU A 336 18.10 13.35 21.39
CA GLU A 336 19.05 14.39 21.01
C GLU A 336 19.00 14.64 19.50
N MET A 337 18.99 13.57 18.70
CA MET A 337 18.95 13.75 17.25
C MET A 337 17.58 14.29 16.84
N ILE A 338 16.53 13.84 17.51
CA ILE A 338 15.18 14.27 17.18
C ILE A 338 15.00 15.77 17.39
N VAL A 339 15.35 16.24 18.59
CA VAL A 339 15.21 17.65 18.94
C VAL A 339 16.17 18.57 18.15
N LEU A 340 17.45 18.22 18.12
CA LEU A 340 18.44 19.05 17.44
C LEU A 340 18.44 19.01 15.93
N HIS A 341 18.02 17.89 15.34
CA HIS A 341 18.06 17.78 13.88
C HIS A 341 16.77 17.64 13.08
N LEU A 342 15.78 16.92 13.60
CA LEU A 342 14.54 16.79 12.87
C LEU A 342 13.85 18.14 12.90
N PRO A 343 13.18 18.52 11.80
CA PRO A 343 12.49 19.80 11.70
C PRO A 343 11.20 19.90 12.51
N SER A 344 10.87 21.12 12.92
CA SER A 344 9.64 21.38 13.65
C SER A 344 8.63 21.59 12.53
N PRO A 345 6.08 22.34 12.00
CA PRO A 345 5.08 22.50 10.94
C PRO A 345 5.25 23.87 10.26
N VAL A 346 5.59 24.89 11.05
CA VAL A 346 5.78 26.24 10.51
C VAL A 346 6.88 26.24 9.44
N THR A 347 7.99 25.60 9.77
CA THR A 347 9.13 25.51 8.88
C THR A 347 8.78 24.68 7.65
N ALA A 348 8.21 23.51 7.87
CA ALA A 348 7.89 22.59 6.78
C ALA A 348 6.74 22.98 5.85
N GLN A 349 5.63 23.45 6.39
CA GLN A 349 4.51 23.80 5.54
C GLN A 349 4.84 24.93 4.57
N ALA A 350 5.96 25.61 4.81
CA ALA A 350 6.37 26.69 3.94
C ALA A 350 6.85 26.18 2.59
N TYR A 351 7.48 25.00 2.56
CA TYR A 351 7.94 24.45 1.29
C TYR A 351 7.17 23.20 0.87
N ARG A 352 6.14 22.84 1.65
CA ARG A 352 5.35 21.66 1.32
C ARG A 352 3.97 22.06 0.84
N ALA A 353 3.58 23.29 1.12
CA ALA A 353 2.28 23.81 0.74
C ALA A 353 1.79 23.48 -0.68
N GLU A 354 2.58 23.84 -1.68
CA GLU A 354 2.17 23.59 -3.06
C GLU A 354 1.89 22.13 -3.42
N GLN A 355 2.72 21.21 -2.97
CA GLN A 355 2.49 19.79 -3.27
C GLN A 355 1.20 19.37 -2.60
N LEU A 356 1.12 19.62 -1.31
CA LEU A 356 -0.05 19.27 -0.51
C LEU A 356 -1.34 19.80 -1.07
N TYR A 357 -1.29 20.96 -1.71
CA TYR A 357 -2.49 21.59 -2.24
C TYR A 357 -2.68 21.48 -3.75
N GLU A 358 -3.79 20.88 -4.16
CA GLU A 358 -4.11 20.72 -5.58
C GLU A 358 -4.44 22.08 -6.21
N GLY A 359 -5.12 22.94 -5.43
CA GLY A 359 -5.50 24.25 -5.92
C GLY A 359 -4.41 25.17 -6.44
N PRO A 360 -4.73 26.48 -6.60
CA PRO A 360 -3.81 27.51 -7.09
C PRO A 360 -2.70 27.82 -6.07
N ALA A 361 -1.46 27.98 -6.54
CA ALA A 361 -0.36 28.27 -5.64
C ALA A 361 -0.50 29.66 -5.03
N ASP A 362 -1.29 30.51 -5.69
CA ASP A 362 -1.52 31.89 -5.24
C ASP A 362 -2.82 31.97 -4.44
N ASP A 363 -3.53 30.85 -4.39
CA ASP A 363 -4.82 30.69 -3.70
C ASP A 363 -4.77 31.06 -2.21
N ALA A 364 -5.89 31.56 -1.70
CA ALA A 364 -5.98 31.94 -0.29
C ALA A 364 -5.74 30.77 0.67
N ASN A 365 -6.13 29.57 0.24
CA ASN A 365 -5.94 28.40 1.08
C ASN A 365 -4.50 27.90 1.02
N CYS A 366 -3.88 27.99 -0.14
CA CYS A 366 -2.50 27.56 -0.27
C CYS A 366 -1.64 28.45 0.62
N ILE A 367 -1.86 29.76 0.57
CA ILE A 367 -1.10 30.69 1.40
C ILE A 367 -1.29 30.37 2.90
N ALA A 368 -2.53 30.07 3.28
CA ALA A 368 -2.81 29.74 4.68
C ALA A 368 -2.05 28.48 5.08
N ILE A 369 -1.79 27.59 4.12
CA ILE A 369 -1.04 26.38 4.41
C ILE A 369 0.43 26.76 4.57
N LYS A 370 0.95 27.59 3.66
CA LYS A 370 2.34 28.01 3.73
C LYS A 370 2.65 28.68 5.06
N ASN A 371 1.70 29.47 5.54
CA ASN A 371 1.87 30.19 6.81
C ASN A 371 1.38 29.42 8.02
N CYS A 372 0.79 28.25 7.79
CA CYS A 372 0.28 27.46 8.90
C CYS A 372 -0.56 28.42 9.74
N ASP A 373 -1.41 29.17 9.03
CA ASP A 373 -2.28 30.19 9.62
C ASP A 373 -3.52 29.58 10.27
N PRO A 374 -3.63 29.71 11.60
CA PRO A 374 -4.75 29.18 12.36
C PRO A 374 -6.05 30.02 12.29
N LYS A 375 -5.96 31.23 11.75
CA LYS A 375 -7.13 32.10 11.65
C LYS A 375 -7.78 32.06 10.29
N ALA A 376 -7.15 31.36 9.35
CA ALA A 376 -7.68 31.23 7.99
C ALA A 376 -8.79 30.19 7.95
N ASP A 377 -9.32 29.94 6.75
CA ASP A 377 -10.36 28.93 6.60
C ASP A 377 -9.71 27.59 6.88
N LEU A 378 -10.53 26.60 7.20
CA LEU A 378 -10.04 25.28 7.52
C LEU A 378 -9.49 24.49 6.35
N MET A 379 -8.37 23.82 6.58
CA MET A 379 -7.72 22.95 5.60
C MET A 379 -7.21 21.78 6.40
N LEU A 380 -8.10 20.83 6.68
CA LEU A 380 -7.75 19.65 7.46
C LEU A 380 -7.71 18.41 6.57
N TYR A 381 -6.55 17.76 6.52
CA TYR A 381 -6.37 16.54 5.71
C TYR A 381 -6.65 15.27 6.54
N VAL A 382 -7.53 14.41 6.03
CA VAL A 382 -7.83 13.17 6.74
C VAL A 382 -6.92 12.07 6.23
N SER A 383 -5.99 11.67 7.07
CA SER A 383 -5.00 10.66 6.75
C SER A 383 -5.61 9.25 6.60
N LYS A 384 -6.49 8.88 7.53
CA LYS A 384 -7.15 7.57 7.48
C LYS A 384 -8.24 7.44 8.56
N MET A 385 -9.05 6.41 8.46
CA MET A 385 -10.09 6.16 9.44
C MET A 385 -9.54 5.10 10.38
N VAL A 386 -9.60 5.37 11.69
CA VAL A 386 -9.08 4.44 12.69
C VAL A 386 -10.18 3.69 13.43
N PRO A 387 -9.99 2.36 13.61
CA PRO A 387 -10.96 1.51 14.31
C PRO A 387 -11.06 1.85 15.79
N THR A 388 -12.30 1.95 16.28
CA THR A 388 -12.55 2.25 17.68
C THR A 388 -13.41 1.13 18.24
N SER A 389 -13.55 1.11 19.56
CA SER A 389 -14.36 0.11 20.23
C SER A 389 -15.79 0.60 20.38
N ASP A 390 -16.07 1.79 19.84
CA ASP A 390 -17.40 2.37 19.90
C ASP A 390 -18.27 1.73 18.82
N LYS A 391 -18.73 0.53 19.13
CA LYS A 391 -19.57 -0.26 18.24
C LYS A 391 -19.56 0.10 16.76
N GLY A 392 -18.54 -0.38 16.06
CA GLY A 392 -18.43 -0.14 14.62
C GLY A 392 -18.14 1.26 14.13
N ARG A 393 -17.75 2.15 15.03
CA ARG A 393 -17.45 3.52 14.62
C ARG A 393 -15.96 3.76 14.38
N PHE A 394 -15.65 4.44 13.27
CA PHE A 394 -14.28 4.75 12.89
C PHE A 394 -14.03 6.25 13.05
N TYR A 395 -12.97 6.63 13.76
CA TYR A 395 -12.67 8.06 13.92
C TYR A 395 -11.72 8.49 12.83
N ALA A 396 -11.87 9.71 12.36
CA ALA A 396 -11.01 10.24 11.31
C ALA A 396 -9.74 10.77 11.95
N PHE A 397 -8.60 10.37 11.39
CA PHE A 397 -7.28 10.78 11.88
C PHE A 397 -6.69 11.70 10.82
N GLY A 398 -6.10 12.81 11.27
CA GLY A 398 -5.54 13.73 10.30
C GLY A 398 -4.72 14.86 10.87
N ARG A 399 -4.52 15.89 10.05
CA ARG A 399 -3.72 17.03 10.46
C ARG A 399 -4.33 18.33 9.99
N VAL A 400 -4.37 19.32 10.89
CA VAL A 400 -4.89 20.64 10.58
C VAL A 400 -3.77 21.42 9.92
N PHE A 401 -3.91 21.73 8.64
CA PHE A 401 -2.88 22.48 7.93
C PHE A 401 -3.15 23.98 7.95
N ALA A 402 -4.43 24.34 8.01
CA ALA A 402 -4.83 25.74 8.06
C ALA A 402 -6.09 25.88 8.91
N GLY A 403 -6.27 27.06 9.50
CA GLY A 403 -7.44 27.32 10.32
C GLY A 403 -7.33 26.55 11.62
N THR A 404 -8.46 26.33 12.28
CA THR A 404 -8.49 25.57 13.52
C THR A 404 -9.85 24.85 13.49
N VAL A 405 -9.86 23.59 13.88
CA VAL A 405 -11.09 22.81 13.90
C VAL A 405 -11.73 22.87 15.30
N LYS A 406 -13.05 22.95 15.36
CA LYS A 406 -13.74 23.04 16.64
C LYS A 406 -14.87 22.03 16.75
N SER A 407 -15.19 21.64 17.97
CA SER A 407 -16.26 20.69 18.21
C SER A 407 -17.60 21.34 17.86
N GLY A 408 -18.41 20.64 17.10
CA GLY A 408 -19.71 21.16 16.70
C GLY A 408 -19.60 22.19 15.59
N GLN A 409 -18.44 22.23 14.94
CA GLN A 409 -18.20 23.17 13.85
C GLN A 409 -18.80 22.68 12.54
N LYS A 410 -19.40 23.60 11.78
CA LYS A 410 -19.96 23.24 10.49
C LYS A 410 -18.78 23.24 9.51
N VAL A 411 -18.52 22.09 8.90
CA VAL A 411 -17.41 22.00 7.96
C VAL A 411 -17.85 21.33 6.66
N ARG A 412 -17.01 21.40 5.63
CA ARG A 412 -17.32 20.81 4.34
C ARG A 412 -16.42 19.59 4.04
N ILE A 413 -17.00 18.40 4.12
CA ILE A 413 -16.28 17.15 3.86
C ILE A 413 -16.17 16.87 2.37
N GLN A 414 -14.95 16.90 1.83
CA GLN A 414 -14.73 16.66 0.40
C GLN A 414 -13.97 15.37 0.12
N GLY A 415 -14.66 14.37 -0.45
CA GLY A 415 -14.04 13.10 -0.76
C GLY A 415 -12.93 13.17 -1.79
N PRO A 416 -12.45 12.02 -2.30
CA PRO A 416 -11.38 11.95 -3.29
C PRO A 416 -11.74 12.45 -4.68
N ASN A 417 -13.04 12.60 -4.95
CA ASN A 417 -13.48 13.04 -6.27
C ASN A 417 -14.12 14.44 -6.30
N TYR A 418 -14.08 15.16 -5.17
CA TYR A 418 -14.67 16.49 -5.11
C TYR A 418 -13.95 17.55 -5.94
N VAL A 419 -14.75 18.44 -6.52
CA VAL A 419 -14.26 19.56 -7.34
C VAL A 419 -15.10 20.77 -6.95
N PRO A 420 -14.45 21.91 -6.66
CA PRO A 420 -15.14 23.15 -6.27
C PRO A 420 -16.41 23.48 -7.06
N GLY A 421 -16.47 23.04 -8.31
CA GLY A 421 -17.64 23.33 -9.14
C GLY A 421 -18.82 22.38 -9.02
N LYS A 422 -18.53 21.08 -8.92
CA LYS A 422 -19.58 20.07 -8.81
C LYS A 422 -19.90 19.73 -7.36
N LYS A 423 -21.03 19.06 -7.14
CA LYS A 423 -21.43 18.68 -5.79
C LYS A 423 -21.13 17.21 -5.50
N ASP A 424 -20.12 16.68 -6.19
CA ASP A 424 -19.69 15.31 -6.00
C ASP A 424 -18.88 15.19 -4.70
N ASP A 425 -19.01 14.06 -4.01
CA ASP A 425 -18.28 13.83 -2.77
C ASP A 425 -18.47 14.89 -1.67
N LEU A 426 -19.19 15.98 -1.96
CA LEU A 426 -19.39 17.01 -0.95
C LEU A 426 -20.36 16.57 0.14
N PHE A 427 -20.03 16.91 1.38
CA PHE A 427 -20.85 16.55 2.52
C PHE A 427 -20.70 17.60 3.62
N ILE A 428 -21.74 18.39 3.82
CA ILE A 428 -21.69 19.40 4.87
C ILE A 428 -22.30 18.78 6.09
N LYS A 429 -21.59 18.83 7.21
CA LYS A 429 -22.07 18.27 8.45
C LYS A 429 -21.24 18.88 9.57
N ALA A 430 -21.79 18.89 10.77
CA ALA A 430 -21.07 19.43 11.92
C ALA A 430 -20.15 18.33 12.47
N ILE A 431 -19.00 18.74 13.00
CA ILE A 431 -18.05 17.78 13.57
C ILE A 431 -18.52 17.60 15.00
N GLN A 432 -18.87 16.37 15.35
CA GLN A 432 -19.37 16.07 16.68
C GLN A 432 -18.40 16.32 17.83
N ARG A 433 -17.15 15.92 17.66
CA ARG A 433 -16.18 16.09 18.73
C ARG A 433 -14.76 16.06 18.17
N VAL A 434 -13.88 16.85 18.77
CA VAL A 434 -12.48 16.90 18.37
C VAL A 434 -11.74 16.20 19.49
N VAL A 435 -11.01 15.15 19.16
CA VAL A 435 -10.29 14.39 20.16
C VAL A 435 -8.79 14.28 19.94
N LEU A 436 -8.04 14.24 21.03
CA LEU A 436 -6.60 14.07 20.97
C LEU A 436 -6.42 12.55 20.79
N MET A 437 -5.61 12.14 19.83
CA MET A 437 -5.37 10.71 19.62
C MET A 437 -4.10 10.35 20.37
N MET A 438 -4.26 9.83 21.59
CA MET A 438 -3.13 9.47 22.43
C MET A 438 -3.00 7.96 22.61
N GLY A 439 -2.30 7.31 21.70
CA GLY A 439 -2.16 5.86 21.81
C GLY A 439 -3.50 5.18 21.54
N ARG A 440 -3.96 4.36 22.49
CA ARG A 440 -5.23 3.65 22.30
C ARG A 440 -6.40 4.45 22.84
N PHE A 441 -6.10 5.62 23.40
CA PHE A 441 -7.12 6.46 23.99
C PHE A 441 -7.35 7.78 23.28
N VAL A 442 -8.44 8.42 23.62
CA VAL A 442 -8.80 9.70 23.04
C VAL A 442 -9.13 10.67 24.18
N GLU A 443 -9.06 11.96 23.88
CA GLU A 443 -9.35 12.98 24.87
C GLU A 443 -10.08 14.13 24.20
N PRO A 444 -11.39 14.25 24.44
CA PRO A 444 -12.18 15.34 23.85
C PRO A 444 -11.51 16.68 24.15
N ILE A 445 -11.52 17.57 23.17
CA ILE A 445 -10.91 18.87 23.30
C ILE A 445 -11.85 19.81 22.52
N ASP A 446 -11.83 21.11 22.82
CA ASP A 446 -12.74 22.03 22.13
C ASP A 446 -12.27 22.39 20.73
N ASP A 447 -10.99 22.71 20.61
CA ASP A 447 -10.45 23.08 19.31
C ASP A 447 -9.03 22.62 19.12
N CYS A 448 -8.52 22.85 17.91
CA CYS A 448 -7.17 22.47 17.56
C CYS A 448 -6.72 23.33 16.39
N PRO A 449 -5.69 24.16 16.60
CA PRO A 449 -5.17 25.05 15.55
C PRO A 449 -4.22 24.40 14.56
N ALA A 450 -3.99 25.11 13.45
CA ALA A 450 -3.11 24.65 12.38
C ALA A 450 -1.72 24.21 12.86
N GLY A 451 -1.24 23.10 12.31
CA GLY A 451 0.06 22.58 12.68
C GLY A 451 0.00 21.32 13.53
N ASN A 452 -1.17 21.00 14.05
CA ASN A 452 -1.34 19.83 14.91
C ASN A 452 -2.03 18.62 14.32
N ILE A 453 -1.76 17.46 14.92
CA ILE A 453 -2.36 16.20 14.52
C ILE A 453 -3.63 16.11 15.37
N ILE A 454 -4.67 15.45 14.86
CA ILE A 454 -5.90 15.39 15.63
C ILE A 454 -6.85 14.33 15.10
N GLY A 455 -7.83 13.98 15.92
CA GLY A 455 -8.83 13.00 15.53
C GLY A 455 -10.23 13.59 15.56
N LEU A 456 -11.05 13.25 14.56
CA LEU A 456 -12.43 13.76 14.44
C LEU A 456 -13.47 12.64 14.56
N VAL A 457 -14.47 12.85 15.41
CA VAL A 457 -15.51 11.84 15.54
C VAL A 457 -16.79 12.32 14.87
N GLY A 458 -17.42 11.42 14.14
CA GLY A 458 -18.66 11.76 13.44
C GLY A 458 -18.50 11.86 11.94
N ILE A 459 -17.28 11.64 11.44
CA ILE A 459 -17.03 11.73 9.99
C ILE A 459 -17.13 10.38 9.26
N ASP A 460 -17.28 9.30 10.05
CA ASP A 460 -17.36 7.92 9.54
C ASP A 460 -18.05 7.68 8.19
N GLN A 461 -19.35 7.96 8.16
CA GLN A 461 -20.20 7.77 6.99
C GLN A 461 -19.82 8.53 5.73
N PHE A 462 -19.37 9.76 5.91
CA PHE A 462 -19.02 10.59 4.78
C PHE A 462 -17.64 10.33 4.19
N LEU A 463 -16.73 9.86 5.01
CA LEU A 463 -15.38 9.61 4.50
C LEU A 463 -14.84 8.24 4.89
N LEU A 464 -14.24 7.56 3.92
CA LEU A 464 -13.63 6.25 4.14
C LEU A 464 -12.26 6.36 3.50
N LYS A 465 -11.23 6.40 4.33
CA LYS A 465 -9.84 6.57 3.91
C LYS A 465 -9.54 8.07 3.83
N THR A 466 -8.75 8.51 2.85
CA THR A 466 -8.41 9.93 2.74
C THR A 466 -9.54 10.89 2.32
N GLY A 467 -9.35 12.16 2.67
CA GLY A 467 -10.31 13.19 2.35
C GLY A 467 -9.75 14.58 2.63
N THR A 468 -10.60 15.59 2.67
CA THR A 468 -10.16 16.97 2.94
C THR A 468 -11.29 17.83 3.51
N LEU A 469 -11.14 18.28 4.75
CA LEU A 469 -12.14 19.14 5.39
C LEU A 469 -11.79 20.60 5.22
N THR A 470 -12.77 21.40 4.81
CA THR A 470 -12.57 22.83 4.61
C THR A 470 -13.76 23.62 5.10
N THR A 471 -13.54 24.90 5.31
CA THR A 471 -14.57 25.81 5.78
C THR A 471 -14.73 26.93 4.76
N SER A 472 -14.20 26.68 3.56
CA SER A 472 -14.25 27.61 2.46
C SER A 472 -14.87 26.97 1.22
N GLU A 473 -15.86 27.65 0.65
CA GLU A 473 -16.56 27.15 -0.54
C GLU A 473 -15.62 27.10 -1.75
N THR A 474 -14.53 27.86 -1.66
CA THR A 474 -13.53 27.93 -2.72
C THR A 474 -12.48 26.84 -2.55
N ALA A 475 -12.27 26.43 -1.31
CA ALA A 475 -11.28 25.42 -0.98
C ALA A 475 -11.17 24.26 -1.95
N HIS A 476 -9.96 24.03 -2.42
CA HIS A 476 -9.68 22.90 -3.30
C HIS A 476 -9.28 21.73 -2.44
N ASN A 477 -9.31 20.54 -3.00
CA ASN A 477 -8.94 19.34 -2.26
C ASN A 477 -7.37 19.14 -2.21
N MET A 478 -6.78 18.37 -1.20
CA MET A 478 -5.26 17.97 -0.97
C MET A 478 -4.61 16.52 -1.74
N LYS A 479 -3.15 15.69 -1.58
CA LYS A 479 -2.06 14.35 -2.37
C LYS A 479 -0.81 12.73 -2.02
N VAL A 480 0.83 11.75 -2.58
CA VAL A 480 1.97 9.97 -2.43
C VAL A 480 3.70 8.44 -2.53
N MET A 481 5.66 7.84 -2.60
CA MET A 481 7.46 6.62 -2.73
C MET A 481 8.45 5.47 -3.90
N LYS A 482 10.64 3.53 -3.53
CA LYS A 482 11.52 2.45 -4.57
C LYS A 482 11.28 0.97 -4.27
N PHE A 483 6.90 -2.80 -0.55
CA PHE A 483 5.68 -3.57 -0.39
C PHE A 483 4.66 -3.29 -1.49
N SER A 484 3.90 -4.32 -1.85
CA SER A 484 2.88 -4.20 -2.88
C SER A 484 1.77 -3.24 -2.46
N VAL A 485 1.20 -2.53 -3.43
CA VAL A 485 0.14 -1.59 -3.13
C VAL A 485 -1.09 -1.84 -3.99
N SER A 486 -1.04 -2.92 -4.77
CA SER A 486 -2.15 -3.31 -5.65
C SER A 486 -2.79 -4.60 -5.19
N PRO A 487 -4.13 -4.67 -5.23
CA PRO A 487 -4.88 -5.86 -4.82
C PRO A 487 -4.72 -7.04 -5.78
N VAL A 488 -3.50 -7.48 -6.03
CA VAL A 488 -3.26 -8.58 -6.97
C VAL A 488 -3.63 -10.00 -6.50
N VAL A 489 -3.84 -10.18 -5.20
CA VAL A 489 -4.20 -11.50 -4.66
C VAL A 489 -5.68 -11.51 -4.29
N GLN A 490 -6.46 -12.35 -4.96
CA GLN A 490 -7.90 -12.40 -4.72
C GLN A 490 -8.51 -13.80 -4.64
N VAL A 491 -9.55 -13.93 -3.81
CA VAL A 491 -10.27 -15.19 -3.63
C VAL A 491 -11.78 -14.97 -3.56
N ALA A 492 -12.54 -16.03 -3.77
CA ALA A 492 -13.99 -15.96 -3.71
C ALA A 492 -14.41 -16.34 -2.30
N VAL A 493 -15.30 -15.56 -1.71
CA VAL A 493 -15.78 -15.80 -0.35
C VAL A 493 -17.27 -16.11 -0.32
N GLU A 494 -17.65 -17.11 0.45
CA GLU A 494 -19.04 -17.49 0.54
C GLU A 494 -19.38 -18.13 1.87
N VAL A 495 -20.60 -17.89 2.36
CA VAL A 495 -21.03 -18.45 3.64
C VAL A 495 -21.30 -19.95 3.54
N LYS A 496 -20.93 -20.69 4.58
CA LYS A 496 -21.14 -22.14 4.62
C LYS A 496 -22.60 -22.43 4.88
N ASN A 497 -23.29 -21.45 5.47
CA ASN A 497 -24.70 -21.59 5.76
C ASN A 497 -25.49 -20.47 5.08
N ALA A 498 -26.09 -20.82 3.95
CA ALA A 498 -26.87 -19.91 3.11
C ALA A 498 -27.52 -18.74 3.85
N ASN A 499 -28.13 -19.03 4.98
CA ASN A 499 -28.82 -18.00 5.75
C ASN A 499 -27.93 -16.89 6.30
N ASP A 500 -26.62 -17.12 6.29
CA ASP A 500 -25.67 -16.13 6.80
C ASP A 500 -25.30 -15.03 5.82
N LEU A 501 -25.66 -15.22 4.55
CA LEU A 501 -25.34 -14.26 3.50
C LEU A 501 -25.45 -12.79 3.91
N PRO A 502 -26.48 -12.42 4.69
CA PRO A 502 -26.61 -11.02 5.11
C PRO A 502 -25.43 -10.49 5.92
N LYS A 503 -24.92 -11.32 6.82
CA LYS A 503 -23.80 -10.94 7.67
C LYS A 503 -22.53 -10.80 6.84
N LEU A 504 -22.38 -11.66 5.84
CA LEU A 504 -21.21 -11.61 4.97
C LEU A 504 -21.21 -10.32 4.18
N VAL A 505 -22.34 -10.01 3.53
CA VAL A 505 -22.45 -8.80 2.73
C VAL A 505 -22.19 -7.58 3.59
N GLU A 506 -22.56 -7.67 4.86
CA GLU A 506 -22.36 -6.57 5.79
C GLU A 506 -20.91 -6.54 6.26
N GLY A 507 -20.34 -7.72 6.48
CA GLY A 507 -18.96 -7.82 6.94
C GLY A 507 -17.99 -7.23 5.94
N LEU A 508 -18.24 -7.46 4.65
CA LEU A 508 -17.38 -6.94 3.61
C LEU A 508 -17.33 -5.43 3.66
N LYS A 509 -18.49 -4.81 3.89
CA LYS A 509 -18.56 -3.36 3.99
C LYS A 509 -17.70 -2.88 5.15
N ARG A 510 -17.87 -3.52 6.30
CA ARG A 510 -17.09 -3.19 7.50
C ARG A 510 -15.58 -3.37 7.24
N LEU A 511 -15.24 -4.46 6.56
CA LEU A 511 -13.85 -4.76 6.21
C LEU A 511 -13.26 -3.72 5.27
N SER A 512 -14.02 -3.35 4.24
CA SER A 512 -13.55 -2.36 3.29
C SER A 512 -13.26 -1.02 3.97
N LYS A 513 -14.17 -0.59 4.83
CA LYS A 513 -14.02 0.70 5.53
C LYS A 513 -12.80 0.77 6.43
N SER A 514 -12.47 -0.35 7.07
CA SER A 514 -11.33 -0.41 7.99
C SER A 514 -9.98 -0.61 7.30
N ASP A 515 -9.99 -1.05 6.05
CA ASP A 515 -8.74 -1.28 5.34
C ASP A 515 -8.74 -0.55 4.00
N PRO A 516 -7.81 0.40 3.82
CA PRO A 516 -7.71 1.15 2.57
C PRO A 516 -7.24 0.29 1.41
N CYS A 517 -6.31 -0.62 1.71
CA CYS A 517 -5.75 -1.49 0.68
C CYS A 517 -6.55 -2.74 0.36
N VAL A 518 -7.68 -2.94 1.03
CA VAL A 518 -8.50 -4.12 0.77
C VAL A 518 -9.59 -3.80 -0.25
N LEU A 519 -9.89 -4.78 -1.11
CA LEU A 519 -10.91 -4.61 -2.15
C LEU A 519 -11.91 -5.76 -2.19
N THR A 520 -13.20 -5.43 -2.34
CA THR A 520 -14.25 -6.45 -2.44
C THR A 520 -15.24 -6.01 -3.52
N TYR A 521 -15.67 -6.96 -4.35
CA TYR A 521 -16.60 -6.68 -5.43
C TYR A 521 -17.24 -7.99 -5.89
N MET A 522 -18.34 -7.91 -6.62
CA MET A 522 -19.03 -9.09 -7.12
C MET A 522 -18.54 -9.47 -8.53
N SER A 523 -18.15 -10.73 -8.71
CA SER A 523 -17.62 -11.18 -10.00
C SER A 523 -18.68 -11.43 -11.05
N GLU A 524 -18.22 -11.51 -12.30
CA GLU A 524 -19.09 -11.75 -13.43
C GLU A 524 -19.87 -13.05 -13.24
N SER A 525 -19.31 -13.96 -12.45
CA SER A 525 -19.97 -15.25 -12.18
C SER A 525 -20.79 -15.28 -10.91
N GLY A 526 -20.98 -14.11 -10.29
CA GLY A 526 -21.78 -14.02 -9.07
C GLY A 526 -21.11 -14.42 -7.77
N GLU A 527 -19.80 -14.24 -7.66
CA GLU A 527 -19.09 -14.57 -6.42
C GLU A 527 -18.57 -13.31 -5.75
N HIS A 528 -18.63 -13.27 -4.42
CA HIS A 528 -18.09 -12.12 -3.70
C HIS A 528 -16.57 -12.31 -3.76
N ILE A 529 -15.86 -11.27 -4.19
CA ILE A 529 -14.43 -11.35 -4.28
C ILE A 529 -13.78 -10.42 -3.26
N VAL A 530 -12.75 -10.93 -2.60
CA VAL A 530 -11.99 -10.16 -1.64
C VAL A 530 -10.56 -10.25 -2.16
N ALA A 531 -9.92 -9.09 -2.33
CA ALA A 531 -8.57 -9.04 -2.85
C ALA A 531 -7.66 -8.25 -1.93
N GLY A 532 -6.43 -8.74 -1.77
CA GLY A 532 -5.49 -8.07 -0.91
C GLY A 532 -4.18 -7.79 -1.63
N THR A 533 -3.43 -6.87 -1.06
CA THR A 533 -2.14 -6.43 -1.56
C THR A 533 -1.15 -7.57 -1.77
N GLY A 534 -1.12 -8.48 -0.80
CA GLY A 534 -0.22 -9.62 -0.88
C GLY A 534 -0.89 -10.81 -0.20
N GLU A 535 -0.32 -12.01 -0.34
CA GLU A 535 -0.92 -13.19 0.27
C GLU A 535 -1.15 -13.04 1.77
N LEU A 536 -0.19 -12.44 2.47
CA LEU A 536 -0.31 -12.23 3.91
C LEU A 536 -1.42 -11.25 4.25
N HIS A 537 -1.46 -10.13 3.53
CA HIS A 537 -2.48 -9.12 3.75
C HIS A 537 -3.86 -9.74 3.58
N LEU A 538 -4.04 -10.47 2.49
CA LEU A 538 -5.32 -11.11 2.20
C LEU A 538 -5.73 -12.07 3.31
N GLU A 539 -4.74 -12.75 3.89
CA GLU A 539 -4.99 -13.70 4.96
C GLU A 539 -5.50 -12.99 6.23
N ILE A 540 -4.88 -11.87 6.60
CA ILE A 540 -5.33 -11.14 7.78
C ILE A 540 -6.78 -10.74 7.50
N CYS A 541 -6.99 -10.15 6.34
CA CYS A 541 -8.32 -9.70 5.93
C CYS A 541 -9.39 -10.78 6.03
N LEU A 542 -9.09 -11.96 5.51
CA LEU A 542 -10.04 -13.07 5.56
C LEU A 542 -10.29 -13.53 6.99
N GLN A 543 -9.22 -13.55 7.80
CA GLN A 543 -9.36 -13.94 9.19
C GLN A 543 -10.27 -12.93 9.89
N ASP A 544 -9.95 -11.65 9.76
CA ASP A 544 -10.75 -10.60 10.37
C ASP A 544 -12.18 -10.58 9.85
N LEU A 545 -12.35 -10.82 8.55
CA LEU A 545 -13.69 -10.84 7.96
C LEU A 545 -14.51 -11.95 8.62
N GLU A 546 -13.97 -13.16 8.58
CA GLU A 546 -14.66 -14.30 9.16
C GLU A 546 -14.90 -14.21 10.66
N HIS A 547 -13.86 -13.89 11.42
CA HIS A 547 -14.00 -13.81 12.88
C HIS A 547 -14.77 -12.61 13.41
N ASP A 548 -14.43 -11.41 12.96
CA ASP A 548 -15.09 -10.19 13.44
C ASP A 548 -16.13 -9.61 12.50
N HIS A 549 -15.65 -8.90 11.47
CA HIS A 549 -16.49 -8.25 10.48
C HIS A 549 -17.80 -8.96 10.13
N ALA A 550 -17.72 -10.23 9.78
CA ALA A 550 -18.93 -10.98 9.44
C ALA A 550 -19.28 -11.94 10.58
N GLY A 551 -18.26 -12.50 11.22
CA GLY A 551 -18.46 -13.42 12.32
C GLY A 551 -19.31 -14.63 11.98
N VAL A 552 -18.98 -15.28 10.87
CA VAL A 552 -19.73 -16.46 10.43
C VAL A 552 -18.83 -17.35 9.59
N PRO A 553 -19.06 -18.67 9.65
CA PRO A 553 -18.22 -19.59 8.86
C PRO A 553 -18.18 -19.16 7.40
N LEU A 554 -16.97 -18.98 6.87
CA LEU A 554 -16.83 -18.59 5.48
C LEU A 554 -16.13 -19.71 4.73
N LYS A 555 -16.37 -19.80 3.43
CA LYS A 555 -15.74 -20.81 2.60
C LYS A 555 -14.89 -20.05 1.58
N ILE A 556 -13.60 -20.39 1.52
CA ILE A 556 -12.67 -19.73 0.62
C ILE A 556 -12.26 -20.63 -0.54
N SER A 557 -12.15 -20.05 -1.72
CA SER A 557 -11.80 -20.80 -2.91
C SER A 557 -11.35 -19.90 -4.06
N PRO A 558 -10.72 -20.51 -5.08
CA PRO A 558 -10.25 -19.76 -6.24
C PRO A 558 -11.47 -19.26 -6.99
N PRO A 559 -10.87 -17.91 -7.94
CA PRO A 559 -12.01 -17.42 -8.71
C PRO A 559 -12.17 -18.15 -10.03
N VAL A 560 -13.42 -18.44 -10.37
CA VAL A 560 -13.78 -19.08 -11.62
C VAL A 560 -13.51 -18.06 -12.72
N VAL A 561 -12.89 -18.50 -13.81
CA VAL A 561 -12.59 -17.61 -14.93
C VAL A 561 -13.72 -17.71 -15.97
N ALA A 562 -14.16 -16.57 -16.47
CA ALA A 562 -15.23 -16.53 -17.46
C ALA A 562 -14.63 -16.64 -18.86
N TYR A 563 -15.35 -17.32 -19.76
CA TYR A 563 -14.89 -17.49 -21.13
C TYR A 563 -15.95 -17.03 -22.12
N ARG A 564 -15.57 -16.91 -23.38
CA ARG A 564 -16.49 -16.51 -24.43
C ARG A 564 -16.55 -17.61 -25.49
N GLU A 565 -17.70 -17.72 -26.14
CA GLU A 565 -17.88 -18.73 -27.17
C GLU A 565 -18.01 -18.05 -28.53
N THR A 566 -17.04 -18.33 -29.40
CA THR A 566 -17.06 -17.74 -30.73
C THR A 566 -16.81 -18.77 -31.84
N VAL A 567 -16.80 -18.28 -33.08
CA VAL A 567 -16.58 -19.10 -34.27
C VAL A 567 -15.36 -18.57 -35.05
N GLU A 568 -14.57 -19.47 -35.63
CA GLU A 568 -13.36 -19.08 -36.37
C GLU A 568 -13.57 -18.86 -37.88
N SER A 569 -14.63 -19.44 -38.44
CA SER A 569 -14.91 -19.29 -39.87
C SER A 569 -16.42 -19.43 -40.12
N GLU A 570 -16.83 -19.35 -41.39
CA GLU A 570 -18.25 -19.48 -41.73
C GLU A 570 -18.68 -20.92 -41.54
N SER A 571 -19.99 -21.13 -41.39
CA SER A 571 -20.52 -22.49 -41.24
C SER A 571 -20.10 -23.31 -42.45
N SER A 572 -19.54 -24.50 -42.24
CA SER A 572 -19.10 -25.33 -43.35
C SER A 572 -20.27 -25.71 -44.27
N GLN A 573 -21.49 -25.49 -43.79
CA GLN A 573 -22.69 -25.77 -44.57
C GLN A 573 -23.90 -25.15 -43.90
N THR A 574 -24.90 -24.80 -44.70
CA THR A 574 -26.13 -24.21 -44.18
C THR A 574 -26.69 -24.99 -43.01
N ALA A 575 -27.05 -24.27 -41.95
CA ALA A 575 -27.62 -24.93 -40.76
C ALA A 575 -29.13 -25.00 -40.98
N LEU A 576 -29.70 -26.16 -40.70
CA LEU A 576 -31.13 -26.34 -40.89
C LEU A 576 -31.75 -26.93 -39.64
N SER A 577 -32.81 -26.28 -39.15
CA SER A 577 -33.52 -26.74 -37.97
C SER A 577 -35.01 -26.47 -38.12
N LYS A 578 -35.83 -27.35 -37.54
CA LYS A 578 -37.27 -27.18 -37.63
C LYS A 578 -37.84 -26.93 -36.23
N SER A 579 -39.09 -26.47 -36.18
CA SER A 579 -39.76 -26.20 -34.91
C SER A 579 -40.40 -27.45 -34.34
N PRO A 580 -40.78 -27.42 -33.06
CA PRO A 580 -41.41 -28.60 -32.47
C PRO A 580 -42.55 -29.12 -33.36
N ASN A 581 -43.33 -28.19 -33.90
CA ASN A 581 -44.45 -28.51 -34.79
C ASN A 581 -43.96 -29.33 -35.99
N LYS A 582 -42.73 -29.06 -36.40
CA LYS A 582 -42.12 -29.68 -37.56
C LYS A 582 -42.62 -28.94 -38.82
N HIS A 583 -43.38 -27.88 -38.62
CA HIS A 583 -43.92 -27.10 -39.73
C HIS A 583 -43.03 -25.91 -40.14
N ASN A 584 -42.20 -25.44 -39.22
CA ASN A 584 -41.35 -24.30 -39.50
C ASN A 584 -39.88 -24.65 -39.56
N ARG A 585 -39.16 -24.01 -40.48
CA ARG A 585 -37.73 -24.26 -40.61
C ARG A 585 -36.92 -23.01 -40.82
N ILE A 586 -35.74 -22.95 -40.19
CA ILE A 586 -34.87 -21.80 -40.37
C ILE A 586 -33.56 -22.29 -40.99
N TYR A 587 -33.08 -21.57 -42.00
CA TYR A 587 -31.82 -21.90 -42.68
C TYR A 587 -30.84 -20.78 -42.38
N LEU A 588 -29.70 -21.10 -41.77
CA LEU A 588 -28.73 -20.03 -41.49
C LEU A 588 -27.27 -20.48 -41.48
N LYS A 589 -26.38 -19.50 -41.46
CA LYS A 589 -24.96 -19.75 -41.40
C LYS A 589 -24.39 -18.76 -40.40
N ALA A 590 -23.32 -19.16 -39.73
CA ALA A 590 -22.68 -18.30 -38.76
C ALA A 590 -21.29 -18.00 -39.29
N GLU A 591 -20.78 -16.81 -38.96
CA GLU A 591 -19.44 -16.41 -39.39
C GLU A 591 -18.85 -15.45 -38.36
N PRO A 592 -17.52 -15.39 -38.29
CA PRO A 592 -16.83 -14.51 -37.33
C PRO A 592 -17.06 -13.02 -37.54
N ILE A 593 -17.13 -12.27 -36.46
CA ILE A 593 -17.26 -10.82 -36.57
C ILE A 593 -15.83 -10.38 -36.28
N ASP A 594 -15.34 -9.43 -37.05
CA ASP A 594 -13.97 -8.95 -36.87
C ASP A 594 -13.78 -8.34 -35.46
N GLU A 595 -12.60 -8.56 -34.86
CA GLU A 595 -12.29 -8.02 -33.54
C GLU A 595 -12.51 -6.51 -33.45
N GLU A 596 -12.03 -5.77 -34.44
CA GLU A 596 -12.16 -4.33 -34.46
C GLU A 596 -13.63 -3.95 -34.37
N VAL A 597 -14.51 -4.77 -34.95
CA VAL A 597 -15.93 -4.49 -34.94
C VAL A 597 -16.54 -4.84 -33.59
N SER A 598 -16.13 -5.97 -33.02
CA SER A 598 -16.61 -6.39 -31.72
C SER A 598 -16.23 -5.29 -30.74
N LEU A 599 -14.96 -4.88 -30.82
CA LEU A 599 -14.44 -3.83 -29.95
C LEU A 599 -15.23 -2.56 -30.15
N ALA A 600 -15.53 -2.22 -31.40
CA ALA A 600 -16.29 -1.02 -31.71
C ALA A 600 -17.68 -1.05 -31.05
N ILE A 601 -18.28 -2.24 -31.02
CA ILE A 601 -19.59 -2.41 -30.42
C ILE A 601 -19.46 -2.28 -28.91
N GLU A 602 -18.52 -3.03 -28.35
CA GLU A 602 -18.30 -3.02 -26.91
C GLU A 602 -17.96 -1.62 -26.39
N ASN A 603 -17.21 -0.85 -27.16
CA ASN A 603 -16.78 0.47 -26.70
C ASN A 603 -17.56 1.72 -27.15
N GLY A 604 -18.67 1.55 -27.86
CA GLY A 604 -19.44 2.72 -28.24
C GLY A 604 -19.39 3.33 -29.63
N ILE A 605 -18.66 2.76 -30.58
CA ILE A 605 -18.64 3.33 -31.91
C ILE A 605 -19.87 2.83 -32.69
N ILE A 606 -20.16 1.54 -32.55
CA ILE A 606 -21.30 0.91 -33.21
C ILE A 606 -22.32 0.58 -32.13
N ASN A 607 -23.45 1.27 -32.13
CA ASN A 607 -24.44 1.07 -31.07
C ASN A 607 -25.80 0.53 -31.47
N PRO A 608 -26.39 -0.29 -30.59
CA PRO A 608 -27.69 -0.93 -30.75
C PRO A 608 -28.82 0.05 -31.05
N ARG A 609 -28.79 1.20 -30.39
CA ARG A 609 -29.86 2.17 -30.60
C ARG A 609 -29.57 3.26 -31.62
N ASP A 610 -28.40 3.27 -32.22
CA ASP A 610 -28.12 4.29 -33.24
C ASP A 610 -29.06 4.13 -34.43
N ASP A 611 -29.17 5.19 -35.22
CA ASP A 611 -29.99 5.18 -36.42
C ASP A 611 -29.36 4.15 -37.34
N PHE A 612 -30.13 3.13 -37.70
CA PHE A 612 -29.64 2.05 -38.55
C PHE A 612 -28.96 2.53 -39.84
N LYS A 613 -29.39 3.66 -40.38
CA LYS A 613 -28.80 4.13 -41.63
C LYS A 613 -27.39 4.63 -41.45
N ALA A 614 -27.20 5.62 -40.57
CA ALA A 614 -25.87 6.16 -40.32
C ALA A 614 -24.94 5.05 -39.81
N ARG A 615 -25.46 4.16 -38.98
CA ARG A 615 -24.64 3.07 -38.45
C ARG A 615 -24.15 2.19 -39.60
N ALA A 616 -25.05 1.87 -40.52
CA ALA A 616 -24.70 1.02 -41.65
C ALA A 616 -23.67 1.66 -42.55
N ARG A 617 -23.71 2.99 -42.67
CA ARG A 617 -22.74 3.71 -43.50
C ARG A 617 -21.35 3.54 -42.90
N ILE A 618 -21.28 3.59 -41.58
CA ILE A 618 -20.02 3.43 -40.85
C ILE A 618 -19.52 1.99 -40.99
N MET A 619 -20.38 1.03 -40.69
CA MET A 619 -19.98 -0.35 -40.78
C MET A 619 -19.50 -0.72 -42.18
N ALA A 620 -20.14 -0.14 -43.20
CA ALA A 620 -19.78 -0.41 -44.58
C ALA A 620 -18.55 0.37 -45.03
N ASP A 621 -18.59 1.68 -44.89
CA ASP A 621 -17.48 2.52 -45.33
C ASP A 621 -16.21 2.42 -44.50
N ASP A 622 -16.36 2.21 -43.20
CA ASP A 622 -15.21 2.14 -42.33
C ASP A 622 -14.80 0.73 -41.89
N TYR A 623 -15.72 -0.22 -41.89
CA TYR A 623 -15.39 -1.56 -41.45
C TYR A 623 -15.52 -2.66 -42.48
N GLY A 624 -15.71 -2.27 -43.74
CA GLY A 624 -15.81 -3.24 -44.81
C GLY A 624 -17.09 -4.05 -44.93
N TRP A 625 -18.12 -3.65 -44.20
CA TRP A 625 -19.37 -4.41 -44.30
C TRP A 625 -20.11 -4.04 -45.58
N ASP A 626 -21.00 -4.93 -45.98
CA ASP A 626 -21.86 -4.67 -47.12
C ASP A 626 -22.97 -3.81 -46.49
N VAL A 627 -23.21 -2.62 -47.01
CA VAL A 627 -24.22 -1.74 -46.43
C VAL A 627 -25.64 -2.32 -46.33
N THR A 628 -26.03 -3.24 -47.21
CA THR A 628 -27.37 -3.81 -47.11
C THR A 628 -27.42 -4.74 -45.89
N ASP A 629 -26.38 -5.54 -45.72
CA ASP A 629 -26.29 -6.44 -44.57
C ASP A 629 -26.37 -5.62 -43.30
N ALA A 630 -25.61 -4.52 -43.25
CA ALA A 630 -25.58 -3.66 -42.09
C ALA A 630 -26.94 -3.01 -41.83
N ARG A 631 -27.55 -2.45 -42.86
CA ARG A 631 -28.86 -1.82 -42.69
C ARG A 631 -29.87 -2.84 -42.17
N LYS A 632 -29.58 -4.11 -42.40
CA LYS A 632 -30.48 -5.16 -41.97
C LYS A 632 -30.12 -5.93 -40.71
N ILE A 633 -29.31 -5.36 -39.81
CA ILE A 633 -29.02 -6.11 -38.61
C ILE A 633 -30.36 -6.11 -37.85
N TRP A 634 -30.77 -7.27 -37.36
CA TRP A 634 -32.04 -7.38 -36.64
C TRP A 634 -31.93 -7.10 -35.14
N CYS A 635 -30.76 -7.40 -34.57
CA CYS A 635 -30.49 -7.19 -33.16
C CYS A 635 -29.04 -7.49 -32.78
N PHE A 636 -28.64 -7.06 -31.59
CA PHE A 636 -27.30 -7.34 -31.06
C PHE A 636 -27.58 -8.25 -29.89
N GLY A 637 -26.60 -9.03 -29.47
CA GLY A 637 -26.81 -9.93 -28.34
C GLY A 637 -25.52 -10.29 -27.67
N PRO A 638 -25.56 -10.71 -26.40
CA PRO A 638 -26.79 -10.83 -25.61
C PRO A 638 -27.25 -9.51 -25.02
N ASP A 639 -28.31 -9.53 -24.22
CA ASP A 639 -28.82 -8.32 -23.57
C ASP A 639 -29.14 -7.17 -24.52
N GLY A 640 -29.38 -7.49 -25.79
CA GLY A 640 -29.70 -6.48 -26.76
C GLY A 640 -28.57 -5.55 -27.21
N ASN A 641 -27.39 -5.69 -26.61
CA ASN A 641 -26.26 -4.82 -26.98
C ASN A 641 -24.91 -5.52 -27.08
N GLY A 642 -24.90 -6.84 -27.01
CA GLY A 642 -23.64 -7.55 -27.09
C GLY A 642 -22.98 -7.57 -28.46
N PRO A 643 -21.72 -7.99 -28.51
CA PRO A 643 -20.94 -8.06 -29.76
C PRO A 643 -21.19 -9.33 -30.61
N ASN A 644 -22.47 -9.57 -30.92
CA ASN A 644 -22.92 -10.68 -31.75
C ASN A 644 -24.11 -10.07 -32.50
N LEU A 645 -24.30 -10.47 -33.76
CA LEU A 645 -25.40 -9.90 -34.54
C LEU A 645 -26.17 -10.91 -35.40
N VAL A 646 -27.43 -10.56 -35.67
CA VAL A 646 -28.29 -11.33 -36.54
C VAL A 646 -28.58 -10.39 -37.70
N ILE A 647 -28.24 -10.83 -38.91
CA ILE A 647 -28.49 -10.06 -40.11
C ILE A 647 -29.50 -10.83 -40.94
N ASP A 648 -30.47 -10.12 -41.50
CA ASP A 648 -31.49 -10.76 -42.33
C ASP A 648 -31.07 -10.79 -43.81
N GLN A 649 -30.93 -11.99 -44.36
CA GLN A 649 -30.58 -12.13 -45.76
C GLN A 649 -31.63 -12.96 -46.52
N THR A 650 -32.89 -12.90 -46.07
CA THR A 650 -33.96 -13.64 -46.73
C THR A 650 -34.55 -12.79 -47.86
N LYS A 651 -35.13 -13.44 -48.86
CA LYS A 651 -35.67 -12.69 -49.99
C LYS A 651 -37.19 -12.57 -50.11
N ALA A 652 -37.90 -13.69 -50.07
CA ALA A 652 -39.35 -13.61 -50.21
C ALA A 652 -40.15 -14.38 -49.18
N VAL A 653 -39.88 -14.15 -47.90
CA VAL A 653 -40.63 -14.81 -46.84
C VAL A 653 -41.83 -13.93 -46.49
N GLN A 654 -43.03 -14.47 -46.71
CA GLN A 654 -44.29 -13.76 -46.47
C GLN A 654 -44.53 -13.21 -45.08
N TYR A 655 -44.46 -14.06 -44.07
CA TYR A 655 -44.73 -13.63 -42.72
C TYR A 655 -43.46 -13.40 -41.90
N LEU A 656 -42.47 -12.77 -42.52
CA LEU A 656 -41.21 -12.50 -41.85
C LEU A 656 -41.40 -11.56 -40.67
N HIS A 657 -41.99 -10.40 -40.94
CA HIS A 657 -42.23 -9.39 -39.92
C HIS A 657 -42.85 -9.96 -38.65
N GLU A 658 -43.65 -11.01 -38.79
CA GLU A 658 -44.33 -11.59 -37.62
C GLU A 658 -43.49 -12.48 -36.72
N ILE A 659 -42.38 -12.97 -37.24
CA ILE A 659 -41.52 -13.85 -36.46
C ILE A 659 -40.28 -13.13 -35.94
N LYS A 660 -40.10 -11.88 -36.37
CA LYS A 660 -38.94 -11.09 -35.97
C LYS A 660 -38.72 -11.11 -34.46
N ASP A 661 -39.75 -10.81 -33.68
CA ASP A 661 -39.61 -10.81 -32.23
C ASP A 661 -39.15 -12.16 -31.71
N SER A 662 -39.70 -13.24 -32.27
CA SER A 662 -39.30 -14.57 -31.83
C SER A 662 -37.83 -14.85 -32.18
N VAL A 663 -37.41 -14.48 -33.37
CA VAL A 663 -36.04 -14.68 -33.80
C VAL A 663 -35.07 -13.89 -32.91
N VAL A 664 -35.38 -12.62 -32.67
CA VAL A 664 -34.56 -11.76 -31.82
C VAL A 664 -34.43 -12.36 -30.43
N ALA A 665 -35.56 -12.72 -29.85
CA ALA A 665 -35.61 -13.30 -28.50
C ALA A 665 -34.76 -14.56 -28.41
N ALA A 666 -34.83 -15.41 -29.45
CA ALA A 666 -34.06 -16.65 -29.48
C ALA A 666 -32.57 -16.33 -29.55
N PHE A 667 -32.22 -15.25 -30.24
CA PHE A 667 -30.82 -14.87 -30.32
C PHE A 667 -30.30 -14.42 -28.96
N GLN A 668 -31.10 -13.62 -28.24
CA GLN A 668 -30.69 -13.15 -26.91
C GLN A 668 -30.42 -14.37 -26.05
N TRP A 669 -31.24 -15.40 -26.26
CA TRP A 669 -31.10 -16.63 -25.50
C TRP A 669 -29.85 -17.41 -25.95
N ALA A 670 -29.66 -17.55 -27.27
CA ALA A 670 -28.51 -18.28 -27.81
C ALA A 670 -27.17 -17.64 -27.49
N THR A 671 -27.07 -16.30 -27.64
CA THR A 671 -25.80 -15.59 -27.39
C THR A 671 -25.47 -15.44 -25.92
N LYS A 672 -26.50 -15.56 -25.08
CA LYS A 672 -26.31 -15.47 -23.63
C LYS A 672 -25.75 -16.81 -23.14
N GLU A 673 -26.26 -17.90 -23.71
CA GLU A 673 -25.82 -19.25 -23.33
C GLU A 673 -25.29 -20.08 -24.51
N GLY A 674 -24.01 -19.96 -24.80
CA GLY A 674 -23.41 -20.71 -25.90
C GLY A 674 -23.54 -22.22 -25.77
N PRO A 675 -23.45 -22.97 -26.88
CA PRO A 675 -23.57 -24.43 -26.91
C PRO A 675 -22.31 -25.21 -26.50
N ILE A 676 -21.17 -24.56 -26.41
CA ILE A 676 -19.97 -25.28 -26.01
C ILE A 676 -20.08 -25.70 -24.54
N PHE A 677 -20.39 -24.75 -23.65
CA PHE A 677 -20.57 -25.09 -22.25
C PHE A 677 -21.33 -24.05 -21.47
N GLY A 678 -22.15 -23.27 -22.18
CA GLY A 678 -22.96 -22.25 -21.52
C GLY A 678 -22.41 -20.85 -21.30
N GLU A 679 -21.24 -20.56 -21.84
CA GLU A 679 -20.67 -19.22 -21.68
C GLU A 679 -21.27 -18.35 -22.78
N GLU A 680 -21.19 -17.03 -22.61
CA GLU A 680 -21.74 -16.13 -23.60
C GLU A 680 -20.95 -16.17 -24.89
N MET A 681 -21.64 -15.89 -26.00
CA MET A 681 -20.98 -15.85 -27.28
C MET A 681 -20.32 -14.48 -27.43
N ARG A 682 -19.40 -14.39 -28.37
CA ARG A 682 -18.74 -13.13 -28.67
C ARG A 682 -18.19 -13.21 -30.10
N SER A 683 -18.31 -12.12 -30.84
CA SER A 683 -17.79 -12.05 -32.20
C SER A 683 -18.47 -13.05 -33.13
N VAL A 684 -19.75 -13.31 -32.88
CA VAL A 684 -20.52 -14.24 -33.71
C VAL A 684 -21.55 -13.51 -34.57
N ARG A 685 -21.48 -13.74 -35.87
CA ARG A 685 -22.44 -13.17 -36.80
C ARG A 685 -23.29 -14.31 -37.35
N VAL A 686 -24.60 -14.09 -37.40
CA VAL A 686 -25.52 -15.09 -37.92
C VAL A 686 -26.33 -14.52 -39.07
N ASN A 687 -26.27 -15.19 -40.21
CA ASN A 687 -27.01 -14.75 -41.40
C ASN A 687 -28.21 -15.67 -41.64
N ILE A 688 -29.41 -15.08 -41.64
CA ILE A 688 -30.60 -15.87 -41.88
C ILE A 688 -30.74 -15.95 -43.40
N LEU A 689 -30.55 -17.15 -43.94
CA LEU A 689 -30.62 -17.33 -45.38
C LEU A 689 -32.03 -17.55 -45.89
N ASP A 690 -32.86 -18.25 -45.13
CA ASP A 690 -34.24 -18.50 -45.54
C ASP A 690 -35.09 -19.06 -44.43
N VAL A 691 -36.38 -18.77 -44.49
CA VAL A 691 -37.32 -19.23 -43.49
C VAL A 691 -38.60 -19.74 -44.18
N THR A 692 -39.06 -20.92 -43.79
CA THR A 692 -40.29 -21.49 -44.32
C THR A 692 -41.26 -21.63 -43.15
N LEU A 693 -42.36 -20.90 -43.21
CA LEU A 693 -43.35 -20.88 -42.14
C LEU A 693 -44.66 -21.52 -42.55
N HIS A 694 -45.46 -21.86 -41.56
CA HIS A 694 -46.79 -22.39 -41.81
C HIS A 694 -47.67 -21.19 -42.14
N ALA A 695 -48.67 -21.40 -42.98
CA ALA A 695 -49.56 -20.31 -43.38
C ALA A 695 -50.33 -19.69 -42.22
N ASP A 696 -50.74 -20.52 -41.26
CA ASP A 696 -51.51 -20.05 -40.11
C ASP A 696 -50.65 -19.70 -38.89
N ALA A 697 -50.82 -18.48 -38.37
CA ALA A 697 -50.02 -17.97 -37.24
C ALA A 697 -50.08 -18.85 -36.02
N ILE A 698 -51.15 -19.62 -35.86
CA ILE A 698 -51.16 -20.52 -34.74
C ILE A 698 -49.90 -21.32 -34.82
N DDE A 699 -48.76 -21.64 -35.95
CA DDE A 699 -48.32 -22.85 -35.24
C DDE A 699 -46.80 -22.79 -35.10
O DDE A 699 -46.18 -23.69 -34.53
CB DDE A 699 -48.80 -24.12 -35.93
CG DDE A 699 -50.29 -24.25 -36.08
ND1 DDE A 699 -51.05 -24.44 -34.97
CD2 DDE A 699 -51.06 -24.20 -37.15
CE1 DDE A 699 -52.33 -24.51 -35.38
NE2 DDE A 699 -52.36 -24.35 -36.77
NAD DDE A 699 -55.73 -24.93 -30.57
CBI DDE A 699 -54.69 -24.58 -31.35
OAG DDE A 699 -53.54 -25.09 -31.38
CBW DDE A 699 -54.93 -23.43 -32.32
NCB DDE A 699 -56.32 -22.76 -32.32
CAB DDE A 699 -56.31 -21.64 -33.34
CAC DDE A 699 -57.47 -23.57 -32.76
CAA DDE A 699 -56.66 -22.10 -31.06
CAU DDE A 699 -54.68 -23.98 -33.70
CAT DDE A 699 -53.64 -24.73 -34.58
N ARG A 700 -46.57 -21.06 -35.56
CA ARG A 700 -45.60 -20.03 -36.03
C ARG A 700 -45.29 -19.13 -34.84
N GLY A 701 -46.04 -19.41 -33.77
CA GLY A 701 -45.97 -18.71 -32.50
C GLY A 701 -44.62 -18.83 -31.86
N GLY A 702 -44.24 -17.86 -31.05
CA GLY A 702 -42.95 -17.86 -30.38
C GLY A 702 -42.58 -19.24 -29.87
N GLY A 703 -43.54 -19.89 -29.22
CA GLY A 703 -43.31 -21.21 -28.66
C GLY A 703 -42.82 -22.20 -29.70
N GLN A 704 -42.94 -21.83 -30.98
CA GLN A 704 -42.50 -22.70 -32.05
C GLN A 704 -41.22 -22.19 -32.70
N ILE A 705 -41.19 -20.89 -32.98
CA ILE A 705 -40.06 -20.27 -33.63
C ILE A 705 -38.88 -19.92 -32.75
N ILE A 706 -39.12 -19.61 -31.49
CA ILE A 706 -38.01 -19.29 -30.59
C ILE A 706 -37.09 -20.50 -30.46
N PRO A 707 -37.65 -21.71 -30.29
CA PRO A 707 -36.79 -22.91 -30.17
C PRO A 707 -36.05 -23.19 -31.48
N THR A 708 -36.74 -22.96 -32.59
CA THR A 708 -36.20 -23.17 -33.92
C THR A 708 -34.98 -22.28 -34.16
N MET A 709 -35.14 -20.99 -33.88
CA MET A 709 -34.05 -20.04 -34.06
C MET A 709 -32.84 -20.37 -33.17
N ARG A 710 -33.10 -20.74 -31.92
CA ARG A 710 -32.04 -21.07 -30.98
C ARG A 710 -31.36 -22.37 -31.40
N ARG A 711 -32.16 -23.31 -31.88
CA ARG A 711 -31.61 -24.59 -32.29
C ARG A 711 -30.79 -24.39 -33.56
N ALA A 712 -31.30 -23.58 -34.48
CA ALA A 712 -30.55 -23.33 -35.71
C ALA A 712 -29.27 -22.57 -35.41
N THR A 713 -29.33 -21.59 -34.52
CA THR A 713 -28.14 -20.80 -34.20
C THR A 713 -27.06 -21.70 -33.62
N TYR A 714 -27.43 -22.52 -32.65
CA TYR A 714 -26.46 -23.44 -32.06
C TYR A 714 -25.82 -24.31 -33.16
N ALA A 715 -26.62 -24.76 -34.11
CA ALA A 715 -26.14 -25.59 -35.20
C ALA A 715 -25.21 -24.83 -36.16
N GLY A 716 -25.58 -23.61 -36.51
CA GLY A 716 -24.74 -22.83 -37.39
C GLY A 716 -23.42 -22.55 -36.68
N PHE A 717 -23.53 -22.31 -35.37
CA PHE A 717 -22.36 -22.02 -34.55
C PHE A 717 -21.40 -23.20 -34.59
N LEU A 718 -21.88 -24.36 -34.15
CA LEU A 718 -21.06 -25.57 -34.13
C LEU A 718 -20.49 -25.94 -35.51
N LEU A 719 -21.19 -25.58 -36.57
CA LEU A 719 -20.74 -25.85 -37.94
C LEU A 719 -19.71 -24.82 -38.42
N ALA A 720 -19.40 -23.83 -37.59
CA ALA A 720 -18.48 -22.78 -37.97
C ALA A 720 -17.12 -22.82 -37.25
N ASP A 721 -16.62 -24.03 -37.01
CA ASP A 721 -15.34 -24.22 -36.36
C ASP A 721 -15.29 -23.45 -35.03
N PRO A 722 -16.04 -23.93 -34.03
CA PRO A 722 -16.17 -23.37 -32.68
C PRO A 722 -14.86 -23.23 -31.93
N LYS A 723 -14.76 -22.13 -31.18
CA LYS A 723 -13.59 -21.83 -30.37
C LYS A 723 -14.03 -21.08 -29.13
N ILE A 724 -13.23 -21.11 -28.07
CA ILE A 724 -13.57 -20.36 -26.87
C ILE A 724 -12.50 -19.27 -26.73
N LEU A 730 -1.03 -7.54 -19.88
CA LEU A 730 -0.90 -6.27 -19.28
C LEU A 730 -0.68 -6.36 -17.86
N VAL A 731 0.49 -6.79 -17.69
CA VAL A 731 1.06 -6.85 -16.45
C VAL A 731 2.22 -5.89 -16.57
N GLU A 732 2.18 -4.86 -15.76
CA GLU A 732 3.20 -3.86 -15.76
C GLU A 732 4.13 -4.05 -14.56
N ILE A 733 5.43 -4.25 -14.82
CA ILE A 733 6.39 -4.48 -13.75
C ILE A 733 7.53 -3.46 -13.66
N GLN A 734 7.67 -2.84 -12.50
CA GLN A 734 8.75 -1.87 -12.26
C GLN A 734 9.86 -2.57 -11.50
N CYS A 735 11.11 -2.39 -11.91
CA CYS A 735 12.24 -3.01 -11.24
C CYS A 735 13.58 -2.54 -11.81
N PRO A 736 14.65 -2.82 -11.07
CA PRO A 736 16.06 -2.50 -11.45
C PRO A 736 16.50 -3.29 -12.66
N GLU A 737 17.47 -2.78 -13.44
CA GLU A 737 17.93 -3.49 -14.62
C GLU A 737 18.34 -4.94 -14.34
N GLN A 738 19.39 -5.14 -13.56
CA GLN A 738 19.90 -6.48 -13.27
C GLN A 738 18.80 -7.49 -12.83
N ALA A 739 17.63 -6.98 -12.45
CA ALA A 739 16.55 -7.86 -11.99
C ALA A 739 15.61 -8.26 -13.14
N VAL A 740 15.56 -7.43 -14.17
CA VAL A 740 14.69 -7.68 -15.32
C VAL A 740 14.78 -9.12 -15.85
N GLY A 741 15.97 -9.71 -15.79
CA GLY A 741 16.13 -11.07 -16.29
C GLY A 741 15.21 -12.09 -15.63
N GLY A 742 14.86 -11.87 -14.37
CA GLY A 742 13.99 -12.78 -13.66
C GLY A 742 12.58 -12.71 -14.21
N ILE A 743 12.19 -11.51 -14.65
CA ILE A 743 10.87 -11.29 -15.20
C ILE A 743 10.64 -12.17 -16.41
N TYR A 744 11.59 -12.17 -17.34
CA TYR A 744 11.46 -12.98 -18.56
C TYR A 744 11.47 -14.46 -18.18
N SER A 745 12.28 -14.78 -17.18
CA SER A 745 12.39 -16.15 -16.73
C SER A 745 11.03 -16.69 -16.25
N VAL A 746 10.35 -15.93 -15.40
CA VAL A 746 9.03 -16.34 -14.89
C VAL A 746 7.99 -16.38 -15.98
N LEU A 747 7.86 -15.29 -16.74
CA LEU A 747 6.90 -15.20 -17.83
C LEU A 747 6.96 -16.40 -18.77
N ASN A 748 8.18 -16.78 -19.17
CA ASN A 748 8.33 -17.92 -20.07
C ASN A 748 7.83 -19.21 -19.46
N LYS A 749 7.81 -19.27 -18.13
CA LYS A 749 7.33 -20.45 -17.45
C LYS A 749 5.80 -20.42 -17.33
N LYS A 750 5.20 -19.29 -17.70
CA LYS A 750 3.76 -19.15 -17.60
C LYS A 750 3.05 -18.62 -18.84
N ARG A 751 3.38 -19.19 -20.00
CA ARG A 751 2.79 -18.81 -21.27
C ARG A 751 2.68 -17.30 -21.41
N GLY A 752 3.61 -16.60 -20.78
CA GLY A 752 3.61 -15.14 -20.86
C GLY A 752 4.20 -14.66 -22.17
N GLN A 753 4.17 -13.34 -22.35
CA GLN A 753 4.67 -12.73 -23.58
C GLN A 753 5.01 -11.26 -23.32
N VAL A 754 6.26 -10.89 -23.54
CA VAL A 754 6.69 -9.52 -23.31
C VAL A 754 6.09 -8.60 -24.34
N VAL A 755 5.77 -7.38 -23.91
CA VAL A 755 5.15 -6.39 -24.76
C VAL A 755 6.02 -5.14 -24.94
N SER A 756 6.56 -4.62 -23.85
CA SER A 756 7.39 -3.42 -23.94
C SER A 756 8.37 -3.26 -22.79
N GLU A 757 9.58 -2.81 -23.11
CA GLU A 757 10.62 -2.59 -22.10
C GLU A 757 11.12 -1.16 -22.20
N GLU A 758 10.54 -0.27 -21.40
CA GLU A 758 10.94 1.14 -21.40
C GLU A 758 11.75 1.53 -20.16
N GLN A 759 11.88 2.84 -19.93
CA GLN A 759 12.63 3.34 -18.78
C GLN A 759 12.04 4.65 -18.26
N THR A 763 16.21 9.05 -14.41
CA THR A 763 16.75 7.73 -14.73
C THR A 763 16.27 6.67 -13.73
N PRO A 764 14.96 6.66 -13.40
CA PRO A 764 14.45 5.67 -12.44
C PRO A 764 14.74 4.20 -12.78
N LEU A 765 13.74 3.35 -12.55
CA LEU A 765 13.88 1.93 -12.81
C LEU A 765 13.44 1.57 -14.24
N PHE A 766 13.13 0.30 -14.43
CA PHE A 766 12.66 -0.20 -15.71
C PHE A 766 11.18 -0.53 -15.52
N THR A 767 10.48 -0.73 -16.62
CA THR A 767 9.07 -1.09 -16.55
C THR A 767 8.82 -2.04 -17.70
N VAL A 768 8.62 -3.31 -17.38
CA VAL A 768 8.36 -4.32 -18.40
C VAL A 768 6.86 -4.56 -18.46
N LYS A 769 6.31 -4.51 -19.66
CA LYS A 769 4.88 -4.75 -19.84
C LYS A 769 4.75 -6.06 -20.58
N ALA A 770 3.80 -6.87 -20.15
CA ALA A 770 3.60 -8.17 -20.77
C ALA A 770 2.19 -8.69 -20.60
N TYR A 771 1.86 -9.68 -21.41
CA TYR A 771 0.55 -10.29 -21.34
C TYR A 771 0.75 -11.55 -20.52
N LEU A 772 -0.14 -11.76 -19.56
CA LEU A 772 -0.08 -12.92 -18.71
C LEU A 772 -1.47 -13.53 -18.60
N PRO A 773 -1.64 -14.78 -19.06
CA PRO A 773 -2.95 -15.43 -18.97
C PRO A 773 -3.42 -15.37 -17.52
N VAL A 774 -4.70 -15.09 -17.29
CA VAL A 774 -5.19 -15.02 -15.92
C VAL A 774 -5.06 -16.35 -15.18
N ASN A 775 -5.29 -17.49 -15.85
CA ASN A 775 -5.19 -18.77 -15.17
C ASN A 775 -3.73 -19.18 -14.89
N GLU A 776 -2.80 -18.27 -15.17
CA GLU A 776 -1.38 -18.51 -14.91
C GLU A 776 -0.88 -17.47 -13.90
N SER A 777 -1.79 -16.74 -13.29
CA SER A 777 -1.39 -15.68 -12.36
C SER A 777 -1.58 -15.98 -10.87
N PHE A 778 -1.96 -17.20 -10.53
CA PHE A 778 -2.14 -17.52 -9.13
C PHE A 778 -0.78 -17.90 -8.56
N GLY A 779 -0.27 -17.05 -7.68
CA GLY A 779 1.03 -17.28 -7.08
C GLY A 779 2.11 -16.57 -7.85
N PHE A 780 1.74 -15.92 -8.94
CA PHE A 780 2.71 -15.20 -9.78
C PHE A 780 3.54 -14.20 -8.97
N THR A 781 2.87 -13.38 -8.17
CA THR A 781 3.55 -12.39 -7.35
C THR A 781 4.66 -13.03 -6.51
N GLY A 782 4.45 -14.27 -6.08
CA GLY A 782 5.44 -14.98 -5.29
C GLY A 782 6.63 -15.42 -6.12
N GLU A 783 6.36 -16.08 -7.24
CA GLU A 783 7.43 -16.56 -8.12
C GLU A 783 8.24 -15.42 -8.71
N LEU A 784 7.63 -14.24 -8.79
CA LEU A 784 8.33 -13.09 -9.33
C LEU A 784 9.34 -12.52 -8.34
N ARG A 785 8.95 -12.33 -7.08
CA ARG A 785 9.89 -11.80 -6.10
C ARG A 785 11.02 -12.79 -5.93
N GLN A 786 10.70 -14.07 -6.01
CA GLN A 786 11.67 -15.13 -5.87
C GLN A 786 12.67 -15.13 -7.03
N ALA A 787 12.23 -14.70 -8.20
CA ALA A 787 13.09 -14.69 -9.37
C ALA A 787 13.78 -13.36 -9.58
N THR A 788 13.41 -12.35 -8.81
CA THR A 788 14.03 -11.03 -8.94
C THR A 788 14.64 -10.59 -7.63
N GLY A 789 14.76 -11.52 -6.70
CA GLY A 789 15.31 -11.16 -5.41
C GLY A 789 14.46 -10.12 -4.70
N GLY A 790 13.14 -10.24 -4.86
CA GLY A 790 12.22 -9.31 -4.21
C GLY A 790 12.32 -7.88 -4.68
N GLN A 791 12.82 -7.67 -5.88
CA GLN A 791 12.98 -6.33 -6.42
C GLN A 791 11.95 -5.91 -7.44
N ALA A 792 11.20 -6.87 -7.99
CA ALA A 792 10.16 -6.56 -8.98
C ALA A 792 8.78 -6.35 -8.33
N PHE A 793 8.04 -5.38 -8.85
CA PHE A 793 6.72 -5.03 -8.35
C PHE A 793 5.68 -5.08 -9.48
N PRO A 794 4.84 -6.12 -9.47
CA PRO A 794 3.79 -6.33 -10.48
C PRO A 794 2.51 -5.51 -10.32
N GLN A 795 1.80 -5.39 -11.44
CA GLN A 795 0.54 -4.65 -11.56
C GLN A 795 -0.18 -5.38 -12.67
N MET A 796 -1.45 -5.68 -12.48
CA MET A 796 -2.19 -6.39 -13.52
C MET A 796 -3.60 -5.90 -13.73
N VAL A 797 -4.02 -5.80 -14.99
CA VAL A 797 -5.38 -5.37 -15.33
C VAL A 797 -5.84 -6.25 -16.48
N PHE A 798 -7.12 -6.64 -16.49
CA PHE A 798 -7.65 -7.47 -17.58
C PHE A 798 -7.50 -6.73 -18.91
N ASP A 799 -6.97 -7.41 -19.91
CA ASP A 799 -6.77 -6.75 -21.18
C ASP A 799 -7.63 -7.25 -22.35
N HIS A 800 -7.57 -8.54 -22.64
CA HIS A 800 -8.31 -9.08 -23.75
C HIS A 800 -8.54 -10.58 -23.61
N TRP A 801 -9.89 -10.11 -24.90
CA TRP A 801 -10.23 -11.53 -25.02
C TRP A 801 -9.31 -12.13 -26.08
N SER A 802 -8.85 -13.35 -25.87
CA SER A 802 -7.95 -13.99 -26.84
C SER A 802 -8.47 -15.36 -27.22
N THR A 803 -8.56 -15.64 -28.51
CA THR A 803 -9.07 -16.91 -29.00
C THR A 803 -8.09 -18.08 -28.94
N LEU A 804 -8.41 -19.11 -28.18
CA LEU A 804 -7.55 -20.29 -28.07
C LEU A 804 -7.76 -21.09 -29.34
N GLY A 805 -6.65 -21.44 -29.99
CA GLY A 805 -6.71 -22.20 -31.24
C GLY A 805 -7.11 -23.65 -31.14
N SER A 806 -6.94 -24.25 -29.96
CA SER A 806 -7.29 -25.66 -29.79
C SER A 806 -8.79 -25.94 -29.83
N ASP A 807 -9.12 -27.19 -30.11
CA ASP A 807 -10.50 -27.65 -30.23
C ASP A 807 -11.24 -27.72 -28.89
N PRO A 808 -12.31 -26.93 -28.72
CA PRO A 808 -13.08 -26.93 -27.48
C PRO A 808 -13.77 -28.28 -27.23
N LEU A 809 -14.01 -29.02 -28.30
CA LEU A 809 -14.69 -30.31 -28.23
C LEU A 809 -13.75 -31.51 -28.03
N ASP A 810 -12.45 -31.25 -27.97
CA ASP A 810 -11.47 -32.29 -27.74
C ASP A 810 -11.06 -32.22 -26.26
N PRO A 811 -11.62 -33.10 -25.44
CA PRO A 811 -11.33 -33.14 -24.00
C PRO A 811 -9.86 -33.05 -23.60
N THR A 812 -8.95 -33.29 -24.54
CA THR A 812 -7.53 -33.27 -24.21
C THR A 812 -6.72 -32.06 -24.68
N SER A 813 -7.35 -31.16 -25.43
CA SER A 813 -6.64 -29.97 -25.87
C SER A 813 -6.75 -28.92 -24.77
N LYS A 814 -5.98 -27.84 -24.88
CA LYS A 814 -6.02 -26.79 -23.86
C LYS A 814 -7.41 -26.23 -23.64
N ALA A 815 -8.08 -25.89 -24.73
CA ALA A 815 -9.42 -25.34 -24.64
C ALA A 815 -10.36 -26.43 -24.11
N GLY A 816 -10.23 -27.63 -24.67
CA GLY A 816 -11.07 -28.76 -24.27
C GLY A 816 -11.00 -29.12 -22.80
N GLU A 817 -9.82 -29.00 -22.20
CA GLU A 817 -9.66 -29.30 -20.79
C GLU A 817 -10.49 -28.33 -19.98
N ILE A 818 -10.42 -27.06 -20.38
CA ILE A 818 -11.16 -26.01 -19.70
C ILE A 818 -12.66 -26.27 -19.84
N VAL A 819 -13.08 -26.70 -21.03
CA VAL A 819 -14.49 -27.00 -21.28
C VAL A 819 -14.97 -28.24 -20.50
N LEU A 820 -14.11 -29.25 -20.39
CA LEU A 820 -14.47 -30.46 -19.67
C LEU A 820 -14.57 -30.20 -18.17
N ALA A 821 -13.69 -29.35 -17.65
CA ALA A 821 -13.69 -29.00 -16.24
C ALA A 821 -14.95 -28.21 -15.87
N ALA A 822 -15.35 -27.27 -16.72
CA ALA A 822 -16.54 -26.46 -16.44
C ALA A 822 -17.81 -27.31 -16.54
N ARG A 823 -17.85 -28.22 -17.51
CA ARG A 823 -19.00 -29.10 -17.68
C ARG A 823 -19.19 -30.01 -16.48
N LYS A 824 -18.11 -30.60 -15.99
CA LYS A 824 -18.23 -31.47 -14.83
C LYS A 824 -18.65 -30.63 -13.63
N ARG A 825 -18.02 -29.48 -13.48
CA ARG A 825 -18.33 -28.59 -12.38
C ARG A 825 -19.81 -28.17 -12.35
N HIS A 826 -20.46 -28.17 -13.51
CA HIS A 826 -21.87 -27.77 -13.60
C HIS A 826 -22.82 -28.97 -13.70
N GLY A 827 -22.29 -30.17 -13.60
CA GLY A 827 -23.14 -31.35 -13.69
C GLY A 827 -23.76 -31.63 -15.05
N MET A 828 -23.08 -31.21 -16.11
CA MET A 828 -23.58 -31.45 -17.47
C MET A 828 -22.94 -32.75 -17.92
N LYS A 829 -23.39 -33.29 -19.06
CA LYS A 829 -22.77 -34.51 -19.57
C LYS A 829 -21.42 -34.06 -20.09
N GLU A 830 -20.41 -34.91 -19.99
CA GLU A 830 -19.08 -34.53 -20.44
C GLU A 830 -18.96 -34.23 -21.93
N GLU A 831 -19.44 -35.14 -22.78
CA GLU A 831 -19.37 -34.91 -24.22
C GLU A 831 -20.16 -33.67 -24.58
N VAL A 832 -19.59 -32.83 -25.45
CA VAL A 832 -20.26 -31.63 -25.90
C VAL A 832 -21.14 -32.04 -27.07
N PRO A 833 -22.45 -31.76 -26.99
CA PRO A 833 -23.27 -32.17 -28.15
C PRO A 833 -22.74 -31.52 -29.42
N GLY A 834 -22.61 -32.32 -30.47
CA GLY A 834 -22.10 -31.82 -31.73
C GLY A 834 -23.19 -31.17 -32.58
N TRP A 835 -22.78 -30.51 -33.66
CA TRP A 835 -23.74 -29.84 -34.52
C TRP A 835 -24.88 -30.70 -35.03
N GLN A 836 -24.59 -31.97 -35.33
CA GLN A 836 -25.63 -32.87 -35.83
C GLN A 836 -26.81 -32.91 -34.87
N GLU A 837 -26.55 -32.66 -33.59
CA GLU A 837 -27.60 -32.68 -32.55
C GLU A 837 -28.62 -31.57 -32.68
N TYR A 838 -28.32 -30.56 -33.49
CA TYR A 838 -29.23 -29.43 -33.66
C TYR A 838 -29.66 -29.27 -35.11
N TYR A 839 -29.18 -30.17 -35.95
CA TYR A 839 -29.48 -30.14 -37.38
C TYR A 839 -30.65 -31.08 -37.68
N ASP A 840 -31.65 -30.56 -38.36
CA ASP A 840 -32.82 -31.34 -38.72
C ASP A 840 -32.82 -31.52 -40.24
N LYS A 841 -32.35 -32.68 -40.67
CA LYS A 841 -32.26 -33.01 -42.09
C LYS A 841 -33.63 -32.83 -42.76
N LEU A 842 -33.62 -32.44 -44.03
CA LEU A 842 -34.86 -32.26 -44.78
C LEU A 842 -35.50 -33.59 -45.20
N THR B 1 10.93 9.13 28.21
CA THR B 1 10.30 10.44 28.30
C THR B 1 9.31 10.51 29.44
N ALA B 2 8.74 9.38 29.84
CA ALA B 2 7.74 9.36 30.89
C ALA B 2 8.34 9.62 32.26
N ALA B 3 9.64 9.45 32.38
CA ALA B 3 10.39 9.89 33.57
C ALA B 3 10.43 11.42 33.68
N GLU B 4 10.40 12.10 32.52
CA GLU B 4 10.37 13.56 32.49
C GLU B 4 8.96 14.14 32.41
N ASN B 5 8.04 13.41 31.79
CA ASN B 5 6.67 13.86 31.76
C ASN B 5 5.71 12.76 32.17
N PRO B 6 4.99 13.01 33.26
CA PRO B 6 3.90 12.16 33.74
C PRO B 6 2.77 11.94 32.71
N ASN B 7 2.76 12.76 31.66
CA ASN B 7 1.64 12.73 30.72
C ASN B 7 1.93 11.84 29.52
N VAL B 8 2.93 10.99 29.66
CA VAL B 8 3.25 10.03 28.63
C VAL B 8 2.87 8.69 29.20
N GLU B 9 1.98 7.98 28.54
CA GLU B 9 1.71 6.59 28.87
C GLU B 9 2.88 5.74 28.34
N VAL B 10 3.44 4.87 29.19
CA VAL B 10 4.52 4.01 28.73
C VAL B 10 3.91 2.80 28.06
N LYS B 11 4.52 2.37 26.95
CA LYS B 11 4.09 1.18 26.28
C LYS B 11 5.27 0.23 26.24
N ASP B 12 5.08 -0.98 26.72
CA ASP B 12 6.16 -1.94 26.80
C ASP B 12 6.15 -2.74 25.50
N TYR B 13 7.21 -3.49 25.26
CA TYR B 13 7.40 -4.23 24.04
C TYR B 13 6.14 -5.00 23.65
N GLY B 14 5.53 -5.69 24.62
CA GLY B 14 4.43 -6.59 24.32
C GLY B 14 3.10 -5.89 24.16
N ASP B 15 3.08 -4.60 24.43
CA ASP B 15 1.92 -3.73 24.27
C ASP B 15 1.89 -3.21 22.85
N ILE B 16 3.00 -3.40 22.15
CA ILE B 16 3.13 -2.87 20.82
C ILE B 16 2.97 -3.97 19.77
N ASP B 17 3.70 -5.07 19.92
CA ASP B 17 3.44 -6.32 19.19
C ASP B 17 2.42 -7.12 20.00
N LYS B 18 1.17 -6.69 19.97
CA LYS B 18 0.15 -7.24 20.84
C LYS B 18 -0.80 -8.14 20.09
N ALA B 19 -0.72 -8.15 18.77
CA ALA B 19 -1.70 -8.86 17.97
C ALA B 19 -1.46 -10.35 18.05
N PRO B 20 -2.51 -11.16 17.90
CA PRO B 20 -2.27 -12.60 17.98
C PRO B 20 -1.37 -13.13 16.87
N GLU B 21 -1.44 -12.53 15.67
CA GLU B 21 -0.57 -12.90 14.55
C GLU B 21 0.88 -12.53 14.84
N GLU B 22 1.07 -11.34 15.41
CA GLU B 22 2.40 -10.85 15.66
C GLU B 22 3.09 -11.77 16.64
N ARG B 23 2.32 -12.21 17.65
CA ARG B 23 2.82 -13.16 18.62
C ARG B 23 3.15 -14.48 17.96
N ALA B 24 2.34 -14.89 17.00
CA ALA B 24 2.51 -16.16 16.33
C ALA B 24 3.73 -16.18 15.40
N ARG B 25 4.01 -15.06 14.75
CA ARG B 25 5.16 -15.04 13.87
C ARG B 25 6.39 -14.50 14.60
N GLY B 26 6.19 -13.80 15.71
CA GLY B 26 7.28 -13.20 16.44
C GLY B 26 7.88 -11.98 15.76
N ILE B 27 7.06 -11.27 15.00
CA ILE B 27 7.46 -10.04 14.33
C ILE B 27 6.35 -9.00 14.48
N THR B 28 6.63 -7.77 14.05
CA THR B 28 5.61 -6.76 13.85
C THR B 28 4.98 -6.95 12.50
N ILE B 29 3.67 -6.82 12.45
CA ILE B 29 2.94 -6.97 11.21
C ILE B 29 2.17 -5.67 10.96
N ASN B 30 1.61 -5.14 12.04
CA ASN B 30 0.79 -3.94 11.98
C ASN B 30 1.63 -2.75 12.40
N THR B 31 1.32 -1.57 11.84
CA THR B 31 1.93 -0.34 12.35
C THR B 31 1.30 -0.06 13.70
N ALA B 32 2.08 0.37 14.68
CA ALA B 32 1.52 0.78 15.94
C ALA B 32 1.81 2.25 16.07
N HIS B 33 0.90 2.99 16.70
CA HIS B 33 1.10 4.39 17.00
C HIS B 33 1.27 4.58 18.49
N VAL B 34 2.33 5.25 18.90
CA VAL B 34 2.48 5.62 20.28
C VAL B 34 2.76 7.11 20.37
N GLU B 35 2.71 7.63 21.58
CA GLU B 35 2.72 9.07 21.82
C GLU B 35 3.77 9.31 22.88
N1 APR C . -56.24 -27.20 -43.83
C2 APR C . -56.29 -28.35 -43.03
N3 APR C . -56.38 -28.42 -41.73
C4 APR C . -56.45 -27.19 -41.17
C5 APR C . -56.43 -25.95 -41.82
C6 APR C . -56.31 -25.96 -43.23
N6 APR C . -56.25 -24.86 -43.99
N7 APR C . -56.54 -24.90 -40.92
C8 APR C . -56.59 -25.51 -39.75
N9 APR C . -56.52 -26.88 -39.85
C1' APR C . -56.52 -27.92 -38.82
C2' APR C . -55.71 -27.38 -37.68
O2' APR C . -54.40 -27.96 -37.65
C3' APR C . -56.54 -27.60 -36.40
O3' APR C . -56.05 -28.66 -35.54
O4' APR C . -57.82 -28.17 -38.39
C4' APR C . -57.98 -27.86 -36.92
C5' APR C . -58.60 -26.52 -37.29
O5' APR C . -59.30 -25.91 -36.53
PA APR C . -60.15 -24.78 -37.31
O1A APR C . -61.06 -24.08 -36.33
O2A APR C . -60.85 -25.45 -38.33
O3A APR C . -59.17 -23.57 -37.72
PB APR C . -58.65 -22.55 -36.53
O1B APR C . -59.44 -21.41 -35.96
O2B APR C . -58.41 -23.47 -35.47
O5D APR C . -57.25 -22.19 -37.05
C5D APR C . -56.54 -22.95 -37.95
O4D APR C . -54.61 -23.44 -36.88
C1D APR C . -53.60 -24.39 -37.31
O2D APR C . -52.41 -24.16 -39.51
C2D APR C . -53.68 -24.24 -38.84
O3D APR C . -53.44 -21.92 -39.68
C3D APR C . -54.35 -22.90 -39.15
C4D APR C . -55.11 -22.53 -37.93
O14 SO1 D . -14.37 -9.97 -12.93
C5 SO1 D . -13.97 -11.08 -13.35
O15 SO1 D . -14.59 -12.16 -13.27
C1 SO1 D . -12.51 -11.11 -13.99
C4 SO1 D . -11.50 -12.01 -13.09
C12 SO1 D . -10.22 -11.64 -13.58
C6 SO1 D . -10.53 -10.63 -14.71
C10 SO1 D . -10.99 -11.49 -15.95
C3 SO1 D . -12.52 -11.61 -15.59
C11 SO1 D . -13.04 -13.08 -15.59
O19 SO1 D . -12.37 -14.08 -15.82
C9 SO1 D . -13.48 -10.62 -16.39
C18 SO1 D . -13.80 -10.78 -17.86
C24 SO1 D . -14.58 -9.48 -18.14
C22 SO1 D . -13.99 -8.38 -17.19
C25 SO1 D . -15.13 -7.80 -16.33
C16 SO1 D . -12.90 -9.14 -16.44
C7 SO1 D . -12.44 -8.64 -15.05
C2 SO1 D . -11.70 -9.78 -14.13
C8 SO1 D . -11.37 -8.91 -12.86
O17 SO1 D . -10.21 -8.16 -13.15
C52 SO1 D . -9.78 -7.35 -12.10
O56 SO1 D . -10.86 -6.44 -11.67
C56 SO1 D . -10.49 -5.60 -10.55
C61 SO1 D . -11.71 -4.73 -10.19
C55 SO1 D . -9.22 -4.74 -10.89
O64 SO1 D . -8.83 -3.92 -9.77
C65 SO1 D . -8.97 -2.51 -9.95
C54 SO1 D . -8.04 -5.68 -11.28
O60 SO1 D . -7.74 -6.54 -10.18
C53 SO1 D . -8.46 -6.56 -12.48
O57 SO1 D . -8.72 -5.70 -13.59
C13 SO1 D . -11.86 -13.02 -11.99
C20 SO1 D . -10.84 -14.18 -11.92
C21 SO1 D . -11.96 -12.36 -10.59
PG GNP E . 10.49 -6.39 13.05
O1G GNP E . 9.81 -7.71 12.99
O2G GNP E . 11.37 -5.95 11.90
O3G GNP E . 9.63 -5.17 13.37
N3B GNP E . 11.22 -6.15 14.42
PB GNP E . 12.13 -5.19 15.24
O1B GNP E . 13.08 -4.37 14.52
O2B GNP E . 11.14 -4.35 16.07
O3A GNP E . 12.94 -5.84 16.40
PA GNP E . 12.66 -5.99 17.91
O1A GNP E . 11.48 -6.84 18.15
O2A GNP E . 12.52 -4.73 18.65
O5' GNP E . 13.97 -6.56 18.56
C5' GNP E . 14.43 -7.79 17.96
C4' GNP E . 15.33 -8.62 18.87
O4' GNP E . 16.50 -7.91 19.12
C3' GNP E . 14.76 -8.75 20.23
O3' GNP E . 15.02 -10.05 20.71
C2' GNP E . 15.41 -7.71 21.07
O2' GNP E . 15.53 -8.17 22.43
C1' GNP E . 16.69 -7.60 20.48
N9 GNP E . 17.21 -6.27 20.69
C8 GNP E . 16.68 -5.03 20.54
N7 GNP E . 17.47 -4.04 20.86
C5 GNP E . 18.61 -4.73 21.27
C6 GNP E . 19.85 -4.26 21.74
O6 GNP E . 20.15 -3.10 22.00
N1 GNP E . 20.77 -5.28 22.00
C2 GNP E . 20.51 -6.61 21.83
N2 GNP E . 21.51 -7.45 22.05
N3 GNP E . 19.32 -7.07 21.40
C4 GNP E . 18.44 -6.07 21.14
#